data_4EDZ
#
_entry.id   4EDZ
#
_cell.length_a   124.468
_cell.length_b   124.468
_cell.length_c   105.927
_cell.angle_alpha   90.000
_cell.angle_beta   90.000
_cell.angle_gamma   90.000
#
_symmetry.space_group_name_H-M   'I 41'
#
loop_
_entity.id
_entity.type
_entity.pdbx_description
1 polymer 'Hematopoietic prostaglandin D synthase'
2 non-polymer GLUTATHIONE
3 non-polymer 4-(3-methylisoquinolin-1-yl)-N-[2-(morpholin-4-yl)ethyl]benzamide
4 non-polymer 'MAGNESIUM ION'
5 water water
#
_entity_poly.entity_id   1
_entity_poly.type   'polypeptide(L)'
_entity_poly.pdbx_seq_one_letter_code
;APNYKLTYFNMRGRAEIIRYIFAYLDIQYEDHRIEQADWPEIKSTLPFGKIPILEVDGLTLHQSLAIARYLTKNTDLAGN
TEMEQCHVDAIVDTLDDFMSCFPWAEKKQDVKEQMFNELLTYNAPHLMQDLDTYLGGREWLIGNSVTWADFYWEICSTTL
LVFKPDLLDNHPRLVTLRKKVQAIPAVANWIKRRPQTKL
;
_entity_poly.pdbx_strand_id   A,B,C,D
#
loop_
_chem_comp.id
_chem_comp.type
_chem_comp.name
_chem_comp.formula
0O5 non-polymer 4-(3-methylisoquinolin-1-yl)-N-[2-(morpholin-4-yl)ethyl]benzamide 'C23 H25 N3 O2'
GSH non-polymer GLUTATHIONE 'C10 H17 N3 O6 S'
MG non-polymer 'MAGNESIUM ION' 'Mg 2'
#
# COMPACT_ATOMS: atom_id res chain seq x y z
N PRO A 2 -0.37 -11.24 9.30
CA PRO A 2 -1.36 -10.91 10.33
C PRO A 2 -2.61 -10.25 9.75
N ASN A 3 -3.77 -10.53 10.34
CA ASN A 3 -4.98 -9.78 10.02
C ASN A 3 -4.96 -8.46 10.79
N TYR A 4 -4.86 -7.38 10.03
CA TYR A 4 -4.82 -6.03 10.58
C TYR A 4 -6.13 -5.32 10.30
N LYS A 5 -6.65 -4.65 11.31
CA LYS A 5 -7.81 -3.79 11.15
C LYS A 5 -7.55 -2.46 11.84
N LEU A 6 -7.43 -1.41 11.04
CA LEU A 6 -7.20 -0.06 11.52
C LEU A 6 -8.54 0.65 11.68
N THR A 7 -8.83 1.15 12.88
CA THR A 7 -10.04 1.92 13.13
C THR A 7 -9.73 3.39 13.40
N TYR A 8 -10.31 4.26 12.59
CA TYR A 8 -10.19 5.71 12.77
C TYR A 8 -11.39 6.42 12.13
N PHE A 9 -11.43 7.75 12.23
CA PHE A 9 -12.40 8.55 11.49
C PHE A 9 -12.07 8.51 10.01
N ASN A 10 -13.04 8.92 9.18
CA ASN A 10 -12.83 9.04 7.75
C ASN A 10 -12.08 10.34 7.45
N MET A 11 -10.78 10.31 7.73
CA MET A 11 -9.88 11.42 7.48
C MET A 11 -8.47 10.91 7.62
N ARG A 12 -7.51 11.72 7.18
CA ARG A 12 -6.10 11.35 7.30
C ARG A 12 -5.77 11.36 8.78
N GLY A 13 -5.80 12.55 9.38
CA GLY A 13 -5.58 12.73 10.81
C GLY A 13 -4.40 11.96 11.37
N ARG A 14 -4.58 11.40 12.56
CA ARG A 14 -3.53 10.69 13.25
C ARG A 14 -3.34 9.26 12.78
N ALA A 15 -4.24 8.79 11.92
CA ALA A 15 -4.14 7.44 11.37
C ALA A 15 -3.25 7.39 10.12
N GLU A 16 -3.04 8.53 9.49
CA GLU A 16 -2.41 8.53 8.16
C GLU A 16 -0.98 8.00 8.13
N ILE A 17 -0.23 8.22 9.21
CA ILE A 17 1.11 7.71 9.29
C ILE A 17 1.10 6.18 9.21
N ILE A 18 0.12 5.57 9.85
CA ILE A 18 -0.02 4.12 9.83
C ILE A 18 -0.37 3.65 8.42
N ARG A 19 -1.28 4.38 7.78
CA ARG A 19 -1.69 4.07 6.41
C ARG A 19 -0.53 4.16 5.40
N TYR A 20 0.37 5.13 5.60
CA TYR A 20 1.54 5.29 4.73
C TYR A 20 2.47 4.09 4.88
N ILE A 21 2.63 3.63 6.12
CA ILE A 21 3.54 2.54 6.43
C ILE A 21 3.01 1.24 5.83
N PHE A 22 1.72 0.98 5.97
CA PHE A 22 1.09 -0.20 5.35
C PHE A 22 1.27 -0.18 3.83
N ALA A 23 1.05 0.98 3.22
CA ALA A 23 1.20 1.14 1.77
C ALA A 23 2.64 0.89 1.33
N TYR A 24 3.60 1.51 2.02
CA TYR A 24 5.04 1.35 1.66
C TYR A 24 5.51 -0.10 1.76
N LEU A 25 5.09 -0.79 2.82
CA LEU A 25 5.46 -2.19 3.02
C LEU A 25 4.54 -3.17 2.27
N ASP A 26 3.56 -2.66 1.53
CA ASP A 26 2.64 -3.50 0.75
C ASP A 26 1.97 -4.57 1.63
N ILE A 27 1.42 -4.12 2.76
CA ILE A 27 0.75 -5.00 3.71
C ILE A 27 -0.75 -4.74 3.66
N GLN A 28 -1.53 -5.80 3.58
CA GLN A 28 -3.00 -5.72 3.53
C GLN A 28 -3.56 -5.39 4.92
N TYR A 29 -4.52 -4.47 4.97
CA TYR A 29 -5.24 -4.18 6.21
C TYR A 29 -6.67 -3.70 5.93
N GLU A 30 -7.56 -3.89 6.90
CA GLU A 30 -8.88 -3.31 6.83
C GLU A 30 -8.80 -1.86 7.30
N ASP A 31 -9.09 -0.93 6.39
CA ASP A 31 -9.07 0.50 6.67
C ASP A 31 -10.47 0.91 7.12
N HIS A 32 -10.78 0.63 8.38
CA HIS A 32 -12.12 0.88 8.93
C HIS A 32 -12.29 2.35 9.31
N ARG A 33 -13.21 3.02 8.62
CA ARG A 33 -13.47 4.44 8.85
C ARG A 33 -14.87 4.66 9.41
N ILE A 34 -14.94 5.22 10.63
CA ILE A 34 -16.21 5.37 11.32
C ILE A 34 -16.79 6.78 11.20
N GLU A 35 -18.12 6.87 11.20
CA GLU A 35 -18.83 8.15 11.22
C GLU A 35 -18.83 8.70 12.65
N GLN A 36 -19.12 9.99 12.79
CA GLN A 36 -19.23 10.62 14.11
C GLN A 36 -20.40 10.03 14.91
N ALA A 37 -21.54 9.83 14.27
CA ALA A 37 -22.74 9.30 14.94
C ALA A 37 -22.51 7.93 15.60
N ASP A 38 -21.60 7.12 15.05
CA ASP A 38 -21.29 5.81 15.62
C ASP A 38 -20.27 5.87 16.76
N TRP A 39 -19.70 7.05 17.00
CA TRP A 39 -18.54 7.20 17.89
C TRP A 39 -18.81 6.87 19.36
N PRO A 40 -19.98 7.28 19.91
CA PRO A 40 -20.31 6.86 21.27
C PRO A 40 -20.26 5.33 21.50
N GLU A 41 -20.82 4.56 20.58
CA GLU A 41 -20.92 3.10 20.73
C GLU A 41 -19.55 2.39 20.67
N ILE A 42 -18.69 2.84 19.76
CA ILE A 42 -17.34 2.27 19.61
C ILE A 42 -16.38 2.70 20.73
N LYS A 43 -16.53 3.95 21.21
CA LYS A 43 -15.59 4.51 22.18
C LYS A 43 -15.47 3.67 23.44
N SER A 44 -16.61 3.24 23.99
CA SER A 44 -16.63 2.41 25.20
C SER A 44 -15.87 1.07 25.06
N THR A 45 -15.66 0.63 23.83
CA THR A 45 -14.92 -0.61 23.55
C THR A 45 -13.39 -0.41 23.53
N LEU A 46 -12.94 0.82 23.29
CA LEU A 46 -11.52 1.12 23.08
C LEU A 46 -10.72 1.05 24.39
N PRO A 47 -9.39 0.78 24.31
CA PRO A 47 -8.59 0.61 25.53
C PRO A 47 -8.52 1.88 26.39
N PHE A 48 -8.30 3.01 25.76
CA PHE A 48 -8.21 4.30 26.44
C PHE A 48 -9.16 5.35 25.84
N GLY A 49 -10.20 4.88 25.17
CA GLY A 49 -11.26 5.74 24.64
C GLY A 49 -10.86 6.58 23.45
N LYS A 50 -9.75 6.25 22.82
CA LYS A 50 -9.20 7.05 21.74
C LYS A 50 -8.92 6.20 20.50
N ILE A 51 -8.92 6.88 19.35
CA ILE A 51 -8.54 6.27 18.09
C ILE A 51 -7.39 7.10 17.49
N PRO A 52 -6.56 6.48 16.64
CA PRO A 52 -6.74 5.16 16.06
C PRO A 52 -6.38 4.00 17.00
N ILE A 53 -6.96 2.84 16.70
CA ILE A 53 -6.50 1.58 17.24
C ILE A 53 -6.18 0.64 16.08
N LEU A 54 -5.29 -0.32 16.32
CA LEU A 54 -4.99 -1.35 15.33
C LEU A 54 -5.23 -2.70 15.96
N GLU A 55 -6.14 -3.47 15.38
CA GLU A 55 -6.36 -4.84 15.82
C GLU A 55 -5.44 -5.76 15.04
N VAL A 56 -4.81 -6.68 15.76
CA VAL A 56 -3.83 -7.61 15.19
C VAL A 56 -4.15 -9.00 15.72
N ASP A 57 -4.65 -9.87 14.84
CA ASP A 57 -5.01 -11.23 15.21
C ASP A 57 -5.73 -11.31 16.55
N GLY A 58 -6.75 -10.48 16.74
CA GLY A 58 -7.59 -10.52 17.95
C GLY A 58 -7.11 -9.71 19.14
N LEU A 59 -5.96 -9.03 19.00
CA LEU A 59 -5.41 -8.17 20.05
C LEU A 59 -5.47 -6.72 19.61
N THR A 60 -5.72 -5.79 20.55
CA THR A 60 -5.86 -4.37 20.21
C THR A 60 -4.64 -3.55 20.63
N LEU A 61 -4.07 -2.82 19.66
CA LEU A 61 -3.03 -1.84 19.92
C LEU A 61 -3.66 -0.45 19.79
N HIS A 62 -3.08 0.51 20.51
CA HIS A 62 -3.48 1.91 20.41
C HIS A 62 -2.26 2.79 20.37
N GLN A 63 -2.48 4.08 20.11
CA GLN A 63 -1.44 5.10 19.98
C GLN A 63 -0.75 5.05 18.62
N SER A 64 -1.03 6.05 17.79
CA SER A 64 -0.62 6.03 16.39
C SER A 64 0.90 5.87 16.19
N LEU A 65 1.70 6.55 17.00
CA LEU A 65 3.16 6.54 16.81
C LEU A 65 3.78 5.28 17.43
N ALA A 66 3.25 4.81 18.55
CA ALA A 66 3.62 3.51 19.10
C ALA A 66 3.41 2.42 18.04
N ILE A 67 2.25 2.47 17.38
CA ILE A 67 1.90 1.52 16.34
C ILE A 67 2.80 1.71 15.12
N ALA A 68 2.95 2.95 14.66
CA ALA A 68 3.85 3.26 13.55
C ALA A 68 5.26 2.71 13.79
N ARG A 69 5.79 2.92 15.00
CA ARG A 69 7.13 2.44 15.37
C ARG A 69 7.20 0.91 15.33
N TYR A 70 6.19 0.25 15.89
CA TYR A 70 6.08 -1.21 15.88
C TYR A 70 6.09 -1.78 14.45
N LEU A 71 5.36 -1.15 13.54
CA LEU A 71 5.26 -1.63 12.17
C LEU A 71 6.55 -1.46 11.35
N THR A 72 7.34 -0.46 11.71
CA THR A 72 8.56 -0.13 10.98
C THR A 72 9.82 -0.77 11.57
N LYS A 73 9.69 -1.43 12.72
CA LYS A 73 10.81 -2.18 13.31
C LYS A 73 11.34 -3.17 12.28
N ASN A 74 12.66 -3.20 12.11
CA ASN A 74 13.32 -4.14 11.19
C ASN A 74 12.98 -3.93 9.71
N THR A 75 12.47 -2.75 9.36
CA THR A 75 12.25 -2.38 7.95
C THR A 75 13.18 -1.23 7.62
N ASP A 76 13.25 -0.87 6.35
CA ASP A 76 14.09 0.23 5.91
C ASP A 76 13.56 1.62 6.32
N LEU A 77 12.33 1.70 6.80
CA LEU A 77 11.76 2.96 7.31
C LEU A 77 12.22 3.31 8.73
N ALA A 78 12.77 2.33 9.44
CA ALA A 78 13.39 2.58 10.73
C ALA A 78 14.76 3.18 10.49
N GLY A 79 15.27 3.90 11.48
CA GLY A 79 16.64 4.41 11.42
C GLY A 79 17.62 3.27 11.22
N ASN A 80 18.76 3.56 10.61
CA ASN A 80 19.73 2.53 10.27
C ASN A 80 20.53 2.05 11.49
N THR A 81 20.63 2.91 12.50
CA THR A 81 21.37 2.62 13.74
C THR A 81 20.48 2.95 14.93
N GLU A 82 20.93 2.59 16.13
CA GLU A 82 20.14 2.91 17.33
C GLU A 82 19.99 4.42 17.58
N MET A 83 21.06 5.19 17.34
CA MET A 83 21.00 6.64 17.53
C MET A 83 20.17 7.34 16.45
N GLU A 84 20.20 6.82 15.23
CA GLU A 84 19.33 7.33 14.16
C GLU A 84 17.87 7.12 14.53
N GLN A 85 17.57 5.96 15.09
CA GLN A 85 16.23 5.65 15.61
C GLN A 85 15.79 6.65 16.69
N CYS A 86 16.75 7.11 17.51
CA CYS A 86 16.49 8.17 18.48
C CYS A 86 16.18 9.50 17.77
N HIS A 87 16.93 9.84 16.73
CA HIS A 87 16.64 11.04 15.92
C HIS A 87 15.27 10.99 15.23
N VAL A 88 14.92 9.81 14.72
CA VAL A 88 13.61 9.62 14.10
C VAL A 88 12.48 9.86 15.11
N ASP A 89 12.56 9.20 16.27
CA ASP A 89 11.57 9.38 17.34
C ASP A 89 11.48 10.82 17.77
N ALA A 90 12.64 11.47 17.91
CA ALA A 90 12.72 12.84 18.36
C ALA A 90 12.02 13.80 17.39
N ILE A 91 12.26 13.60 16.10
CA ILE A 91 11.64 14.45 15.07
C ILE A 91 10.15 14.20 15.01
N VAL A 92 9.76 12.94 15.12
CA VAL A 92 8.34 12.55 15.12
C VAL A 92 7.61 13.20 16.29
N ASP A 93 8.17 13.11 17.49
CA ASP A 93 7.55 13.70 18.68
C ASP A 93 7.47 15.23 18.63
N THR A 94 8.49 15.89 18.05
CA THR A 94 8.48 17.34 17.85
C THR A 94 7.35 17.76 16.91
N LEU A 95 7.19 17.03 15.82
CA LEU A 95 6.07 17.26 14.91
C LEU A 95 4.73 17.02 15.62
N ASP A 96 4.58 15.86 16.26
CA ASP A 96 3.34 15.50 16.94
C ASP A 96 2.99 16.49 18.05
N ASP A 97 4.00 16.94 18.80
CA ASP A 97 3.81 17.94 19.85
C ASP A 97 3.11 19.18 19.31
N PHE A 98 3.67 19.74 18.23
CA PHE A 98 3.12 20.93 17.64
C PHE A 98 1.69 20.70 17.16
N MET A 99 1.48 19.63 16.40
CA MET A 99 0.15 19.30 15.89
C MET A 99 -0.85 19.12 17.03
N SER A 100 -0.38 18.56 18.15
CA SER A 100 -1.23 18.33 19.33
C SER A 100 -1.68 19.60 20.03
N CYS A 101 -0.97 20.71 19.80
CA CYS A 101 -1.35 22.00 20.37
C CYS A 101 -2.62 22.57 19.73
N PHE A 102 -2.93 22.15 18.51
CA PHE A 102 -4.11 22.65 17.81
C PHE A 102 -5.39 22.07 18.41
N PRO A 103 -6.39 22.92 18.67
CA PRO A 103 -7.62 22.39 19.25
C PRO A 103 -8.53 21.82 18.18
N TRP A 104 -8.18 20.63 17.67
CA TRP A 104 -8.89 20.04 16.53
C TRP A 104 -10.34 19.69 16.83
N ALA A 105 -10.65 19.36 18.08
CA ALA A 105 -12.02 18.97 18.50
C ALA A 105 -12.84 20.11 19.14
N GLU A 106 -12.33 21.34 19.09
CA GLU A 106 -13.02 22.48 19.70
C GLU A 106 -14.36 22.73 18.98
N LYS A 107 -15.45 22.77 19.76
CA LYS A 107 -16.79 22.96 19.21
C LYS A 107 -17.19 24.44 19.10
N LYS A 108 -16.37 25.34 19.65
CA LYS A 108 -16.57 26.78 19.50
C LYS A 108 -15.60 27.31 18.44
N GLN A 109 -16.13 27.51 17.24
CA GLN A 109 -15.35 27.84 16.05
C GLN A 109 -14.54 29.15 16.16
N ASP A 110 -15.03 30.12 16.93
CA ASP A 110 -14.28 31.38 17.11
C ASP A 110 -13.04 31.13 17.97
N VAL A 111 -13.19 30.32 19.01
CA VAL A 111 -12.07 29.97 19.88
C VAL A 111 -11.07 29.14 19.08
N LYS A 112 -11.58 28.14 18.36
CA LYS A 112 -10.75 27.30 17.50
C LYS A 112 -9.97 28.14 16.51
N GLU A 113 -10.65 29.02 15.78
CA GLU A 113 -9.98 29.86 14.79
C GLU A 113 -8.93 30.76 15.42
N GLN A 114 -9.25 31.35 16.57
CA GLN A 114 -8.30 32.19 17.31
C GLN A 114 -7.02 31.44 17.66
N MET A 115 -7.17 30.24 18.21
CA MET A 115 -6.01 29.42 18.62
C MET A 115 -5.21 28.98 17.40
N PHE A 116 -5.91 28.59 16.33
CA PHE A 116 -5.26 28.26 15.06
C PHE A 116 -4.43 29.40 14.50
N ASN A 117 -4.97 30.62 14.54
CA ASN A 117 -4.24 31.79 14.02
C ASN A 117 -3.01 32.13 14.86
N GLU A 118 -3.11 31.97 16.18
CA GLU A 118 -1.97 32.23 17.05
C GLU A 118 -0.84 31.23 16.80
N LEU A 119 -1.17 29.95 16.73
CA LEU A 119 -0.18 28.90 16.51
C LEU A 119 0.49 29.01 15.12
N LEU A 120 -0.28 29.36 14.10
CA LEU A 120 0.25 29.38 12.73
C LEU A 120 1.12 30.60 12.44
N THR A 121 0.78 31.76 13.00
CA THR A 121 1.54 32.98 12.72
C THR A 121 2.71 33.20 13.70
N TYR A 122 2.53 32.78 14.96
CA TYR A 122 3.51 33.05 16.03
C TYR A 122 4.47 31.89 16.28
N ASN A 123 3.97 30.65 16.24
CA ASN A 123 4.76 29.48 16.62
C ASN A 123 5.33 28.69 15.42
N ALA A 124 4.48 28.44 14.42
CA ALA A 124 4.85 27.63 13.26
C ALA A 124 6.15 28.08 12.57
N PRO A 125 6.31 29.39 12.32
CA PRO A 125 7.55 29.85 11.64
C PRO A 125 8.84 29.48 12.36
N HIS A 126 8.82 29.46 13.69
CA HIS A 126 10.00 29.06 14.47
C HIS A 126 10.29 27.57 14.32
N LEU A 127 9.24 26.76 14.28
CA LEU A 127 9.39 25.32 14.08
C LEU A 127 9.86 25.02 12.66
N MET A 128 9.29 25.70 11.66
CA MET A 128 9.73 25.53 10.28
C MET A 128 11.22 25.90 10.13
N GLN A 129 11.66 26.97 10.79
CA GLN A 129 13.07 27.38 10.77
C GLN A 129 13.97 26.29 11.37
N ASP A 130 13.55 25.76 12.52
CA ASP A 130 14.31 24.73 13.25
C ASP A 130 14.46 23.44 12.45
N LEU A 131 13.36 22.99 11.82
CA LEU A 131 13.39 21.79 10.97
C LEU A 131 14.26 21.99 9.74
N ASP A 132 14.19 23.18 9.16
CA ASP A 132 14.96 23.48 7.95
C ASP A 132 16.45 23.45 8.31
N THR A 133 16.81 24.10 9.42
CA THR A 133 18.20 24.11 9.89
C THR A 133 18.68 22.71 10.24
N TYR A 134 17.81 21.91 10.85
CA TYR A 134 18.14 20.54 11.22
C TYR A 134 18.40 19.67 9.98
N LEU A 135 17.57 19.85 8.95
CA LEU A 135 17.75 19.17 7.67
C LEU A 135 19.04 19.61 6.98
N GLY A 136 19.26 20.93 6.92
CA GLY A 136 20.40 21.49 6.19
C GLY A 136 20.33 21.12 4.72
N GLY A 137 21.46 20.67 4.16
CA GLY A 137 21.53 20.26 2.77
C GLY A 137 21.25 18.78 2.51
N ARG A 138 20.85 18.05 3.54
CA ARG A 138 20.71 16.60 3.44
C ARG A 138 19.44 16.20 2.69
N GLU A 139 19.45 15.00 2.11
CA GLU A 139 18.32 14.49 1.30
C GLU A 139 17.12 14.13 2.15
N TRP A 140 17.39 13.48 3.28
CA TRP A 140 16.35 13.01 4.20
C TRP A 140 16.62 13.54 5.61
N LEU A 141 15.58 13.60 6.43
CA LEU A 141 15.69 14.16 7.79
C LEU A 141 16.70 13.41 8.66
N ILE A 142 16.72 12.09 8.57
CA ILE A 142 17.66 11.25 9.33
C ILE A 142 18.39 10.26 8.42
N GLY A 143 19.72 10.34 8.41
CA GLY A 143 20.57 9.36 7.71
C GLY A 143 20.55 9.44 6.20
N ASN A 144 20.89 8.31 5.56
CA ASN A 144 21.13 8.21 4.11
C ASN A 144 19.88 7.95 3.27
N SER A 145 18.76 7.62 3.91
CA SER A 145 17.57 7.16 3.21
C SER A 145 16.29 7.49 3.97
N VAL A 146 15.15 7.36 3.29
CA VAL A 146 13.88 7.74 3.87
C VAL A 146 13.58 6.93 5.13
N THR A 147 12.97 7.60 6.10
CA THR A 147 12.46 6.96 7.30
C THR A 147 11.04 7.41 7.50
N TRP A 148 10.34 6.80 8.46
CA TRP A 148 8.96 7.21 8.74
C TRP A 148 8.86 8.63 9.32
N ALA A 149 9.96 9.22 9.75
CA ALA A 149 9.98 10.65 10.13
C ALA A 149 9.76 11.56 8.91
N ASP A 150 10.28 11.14 7.76
CA ASP A 150 10.05 11.85 6.50
C ASP A 150 8.58 11.74 6.09
N PHE A 151 8.00 10.56 6.26
CA PHE A 151 6.57 10.35 6.03
C PHE A 151 5.73 11.29 6.92
N TYR A 152 6.10 11.38 8.19
CA TYR A 152 5.32 12.17 9.13
C TYR A 152 5.46 13.67 8.88
N TRP A 153 6.62 14.10 8.40
CA TRP A 153 6.79 15.49 8.00
C TRP A 153 5.82 15.83 6.87
N GLU A 154 5.75 14.98 5.86
CA GLU A 154 4.89 15.24 4.71
C GLU A 154 3.42 15.24 5.13
N ILE A 155 3.04 14.25 5.95
CA ILE A 155 1.67 14.11 6.45
C ILE A 155 1.25 15.35 7.25
N CYS A 156 2.08 15.76 8.20
CA CYS A 156 1.75 16.90 9.06
C CYS A 156 1.75 18.23 8.31
N SER A 157 2.72 18.41 7.42
CA SER A 157 2.82 19.64 6.64
C SER A 157 1.67 19.78 5.61
N THR A 158 1.25 18.67 5.01
CA THR A 158 0.07 18.70 4.13
C THR A 158 -1.13 19.32 4.87
N THR A 159 -1.39 18.88 6.09
CA THR A 159 -2.48 19.45 6.89
C THR A 159 -2.25 20.92 7.28
N LEU A 160 -1.03 21.24 7.73
CA LEU A 160 -0.70 22.62 8.08
C LEU A 160 -0.81 23.57 6.88
N LEU A 161 -0.48 23.08 5.68
CA LEU A 161 -0.56 23.90 4.48
C LEU A 161 -2.00 24.25 4.06
N VAL A 162 -2.96 23.44 4.49
CA VAL A 162 -4.37 23.75 4.25
C VAL A 162 -4.73 25.08 4.91
N PHE A 163 -4.26 25.27 6.14
CA PHE A 163 -4.59 26.45 6.92
C PHE A 163 -3.58 27.60 6.81
N LYS A 164 -2.36 27.29 6.38
CA LYS A 164 -1.33 28.32 6.16
C LYS A 164 -0.53 27.95 4.89
N PRO A 165 -1.03 28.35 3.71
CA PRO A 165 -0.40 27.99 2.44
C PRO A 165 1.02 28.51 2.27
N ASP A 166 1.34 29.63 2.93
CA ASP A 166 2.69 30.23 2.81
C ASP A 166 3.67 29.71 3.87
N LEU A 167 3.29 28.64 4.58
CA LEU A 167 4.11 28.04 5.64
C LEU A 167 5.57 27.83 5.24
N LEU A 168 5.79 27.26 4.07
CA LEU A 168 7.13 26.89 3.61
C LEU A 168 7.67 27.79 2.50
N ASP A 169 7.16 29.03 2.42
CA ASP A 169 7.65 30.00 1.42
C ASP A 169 9.13 30.29 1.55
N ASN A 170 9.61 30.38 2.80
CA ASN A 170 11.03 30.60 3.07
C ASN A 170 11.82 29.32 3.35
N HIS A 171 11.25 28.17 3.03
CA HIS A 171 11.87 26.87 3.31
C HIS A 171 11.73 25.90 2.13
N PRO A 172 12.31 26.25 0.97
CA PRO A 172 12.25 25.40 -0.24
C PRO A 172 12.77 23.98 -0.05
N ARG A 173 13.79 23.81 0.80
CA ARG A 173 14.36 22.49 1.03
C ARG A 173 13.37 21.58 1.76
N LEU A 174 12.50 22.15 2.59
CA LEU A 174 11.43 21.39 3.23
C LEU A 174 10.32 21.00 2.25
N VAL A 175 10.11 21.82 1.22
CA VAL A 175 9.09 21.55 0.19
C VAL A 175 9.59 20.46 -0.75
N THR A 176 10.89 20.48 -1.04
CA THR A 176 11.53 19.41 -1.81
C THR A 176 11.44 18.07 -1.07
N LEU A 177 11.63 18.08 0.25
CA LEU A 177 11.47 16.85 1.04
C LEU A 177 10.04 16.28 0.94
N ARG A 178 9.03 17.15 0.93
CA ARG A 178 7.63 16.73 0.71
C ARG A 178 7.44 16.09 -0.66
N LYS A 179 8.06 16.70 -1.67
CA LYS A 179 7.93 16.22 -3.04
C LYS A 179 8.59 14.85 -3.20
N LYS A 180 9.70 14.63 -2.49
CA LYS A 180 10.41 13.35 -2.58
C LYS A 180 9.61 12.23 -1.93
N VAL A 181 8.98 12.52 -0.78
CA VAL A 181 8.12 11.55 -0.12
C VAL A 181 6.90 11.20 -0.97
N GLN A 182 6.24 12.22 -1.53
CA GLN A 182 5.08 12.02 -2.40
C GLN A 182 5.43 11.25 -3.68
N ALA A 183 6.69 11.30 -4.09
CA ALA A 183 7.15 10.63 -5.32
C ALA A 183 7.49 9.14 -5.14
N ILE A 184 7.63 8.70 -3.88
CA ILE A 184 7.88 7.27 -3.60
C ILE A 184 6.67 6.49 -4.11
N PRO A 185 6.89 5.53 -5.04
CA PRO A 185 5.77 4.90 -5.75
C PRO A 185 4.62 4.43 -4.86
N ALA A 186 4.93 3.69 -3.80
CA ALA A 186 3.88 3.20 -2.89
C ALA A 186 3.09 4.35 -2.26
N VAL A 187 3.78 5.45 -1.94
CA VAL A 187 3.13 6.63 -1.37
C VAL A 187 2.31 7.35 -2.43
N ALA A 188 2.92 7.56 -3.60
CA ALA A 188 2.24 8.14 -4.76
C ALA A 188 0.88 7.47 -5.02
N ASN A 189 0.87 6.14 -5.04
CA ASN A 189 -0.35 5.40 -5.33
C ASN A 189 -1.37 5.46 -4.18
N TRP A 190 -0.88 5.48 -2.95
CA TRP A 190 -1.77 5.65 -1.79
C TRP A 190 -2.45 7.02 -1.83
N ILE A 191 -1.71 8.08 -2.18
CA ILE A 191 -2.30 9.41 -2.31
C ILE A 191 -3.43 9.41 -3.37
N LYS A 192 -3.28 8.61 -4.42
CA LYS A 192 -4.32 8.43 -5.44
C LYS A 192 -5.50 7.57 -4.96
N ARG A 193 -5.19 6.55 -4.17
CA ARG A 193 -6.17 5.58 -3.71
C ARG A 193 -7.04 6.11 -2.58
N ARG A 194 -6.43 6.84 -1.66
CA ARG A 194 -7.10 7.20 -0.41
C ARG A 194 -8.34 8.06 -0.63
N PRO A 195 -9.34 7.92 0.27
CA PRO A 195 -10.49 8.81 0.23
C PRO A 195 -10.05 10.27 0.37
N GLN A 196 -10.60 11.13 -0.47
CA GLN A 196 -10.24 12.54 -0.50
C GLN A 196 -10.97 13.28 0.61
N THR A 197 -10.23 13.62 1.66
CA THR A 197 -10.77 14.37 2.78
C THR A 197 -9.93 15.62 2.99
N LYS A 198 -10.51 16.59 3.69
CA LYS A 198 -9.82 17.84 3.95
C LYS A 198 -8.67 17.62 4.94
N LEU A 199 -8.93 16.85 5.99
CA LEU A 199 -7.95 16.61 7.04
C LEU A 199 -7.68 15.12 7.20
N ALA B 1 31.48 3.03 28.65
CA ALA B 1 30.51 4.00 29.25
C ALA B 1 30.77 5.41 28.71
N PRO B 2 29.82 5.95 27.90
CA PRO B 2 30.01 7.30 27.37
C PRO B 2 29.66 8.38 28.39
N ASN B 3 29.99 9.62 28.05
CA ASN B 3 29.79 10.75 28.95
C ASN B 3 28.44 11.44 28.72
N TYR B 4 27.57 11.37 29.73
CA TYR B 4 26.22 11.93 29.66
C TYR B 4 26.07 13.24 30.45
N LYS B 5 25.40 14.21 29.84
CA LYS B 5 25.02 15.45 30.52
C LYS B 5 23.56 15.79 30.25
N LEU B 6 22.71 15.63 31.27
CA LEU B 6 21.29 15.99 31.21
C LEU B 6 21.09 17.44 31.63
N THR B 7 20.40 18.23 30.81
CA THR B 7 20.08 19.62 31.15
C THR B 7 18.56 19.81 31.26
N TYR B 8 18.12 20.32 32.41
CA TYR B 8 16.71 20.62 32.64
C TYR B 8 16.60 21.66 33.76
N PHE B 9 15.37 22.02 34.13
CA PHE B 9 15.15 22.88 35.28
C PHE B 9 15.40 22.11 36.57
N ASN B 10 15.42 22.82 37.69
CA ASN B 10 15.51 22.16 38.99
C ASN B 10 14.11 21.70 39.37
N MET B 11 13.69 20.60 38.75
CA MET B 11 12.42 19.94 39.02
C MET B 11 12.42 18.56 38.37
N ARG B 12 11.46 17.72 38.76
CA ARG B 12 11.35 16.37 38.19
C ARG B 12 10.89 16.49 36.74
N GLY B 13 9.67 17.00 36.55
CA GLY B 13 9.14 17.29 35.22
C GLY B 13 9.42 16.23 34.17
N ARG B 14 9.78 16.69 32.98
CA ARG B 14 9.96 15.81 31.83
C ARG B 14 11.32 15.13 31.80
N ALA B 15 12.22 15.55 32.68
CA ALA B 15 13.53 14.94 32.75
C ALA B 15 13.54 13.71 33.67
N GLU B 16 12.55 13.60 34.55
CA GLU B 16 12.65 12.64 35.65
C GLU B 16 12.71 11.19 35.17
N ILE B 17 12.02 10.90 34.06
CA ILE B 17 12.02 9.56 33.47
C ILE B 17 13.43 9.16 33.03
N ILE B 18 14.17 10.12 32.47
CA ILE B 18 15.56 9.88 32.11
C ILE B 18 16.37 9.60 33.39
N ARG B 19 16.11 10.39 34.43
CA ARG B 19 16.83 10.24 35.70
C ARG B 19 16.57 8.89 36.39
N TYR B 20 15.36 8.36 36.27
CA TYR B 20 15.06 7.03 36.84
C TYR B 20 15.85 5.97 36.08
N ILE B 21 15.90 6.12 34.76
CA ILE B 21 16.54 5.13 33.91
C ILE B 21 18.04 5.03 34.26
N PHE B 22 18.71 6.18 34.30
CA PHE B 22 20.12 6.24 34.71
C PHE B 22 20.35 5.62 36.08
N ALA B 23 19.46 5.91 37.03
CA ALA B 23 19.61 5.40 38.39
C ALA B 23 19.45 3.88 38.42
N TYR B 24 18.41 3.38 37.77
CA TYR B 24 18.17 1.94 37.69
C TYR B 24 19.32 1.20 37.00
N LEU B 25 19.81 1.73 35.88
CA LEU B 25 20.90 1.07 35.14
C LEU B 25 22.27 1.34 35.74
N ASP B 26 22.32 2.17 36.78
CA ASP B 26 23.56 2.55 37.46
C ASP B 26 24.53 3.16 36.45
N ILE B 27 24.01 4.10 35.65
CA ILE B 27 24.81 4.85 34.70
C ILE B 27 25.09 6.24 35.28
N GLN B 28 26.37 6.54 35.46
CA GLN B 28 26.79 7.86 35.96
C GLN B 28 26.47 8.93 34.92
N TYR B 29 25.98 10.07 35.39
CA TYR B 29 25.66 11.19 34.51
C TYR B 29 25.76 12.51 35.26
N GLU B 30 25.88 13.59 34.50
CA GLU B 30 25.83 14.93 35.06
C GLU B 30 24.40 15.43 35.01
N ASP B 31 23.83 15.70 36.18
CA ASP B 31 22.44 16.15 36.31
C ASP B 31 22.42 17.68 36.40
N HIS B 32 22.55 18.33 35.25
CA HIS B 32 22.65 19.79 35.22
C HIS B 32 21.28 20.45 35.33
N ARG B 33 21.07 21.18 36.43
CA ARG B 33 19.81 21.86 36.68
C ARG B 33 20.01 23.36 36.54
N ILE B 34 19.38 23.97 35.55
CA ILE B 34 19.50 25.41 35.31
C ILE B 34 18.48 26.22 36.13
N GLU B 35 18.82 27.48 36.34
CA GLU B 35 17.95 28.42 37.04
C GLU B 35 16.90 28.96 36.08
N GLN B 36 15.65 29.04 36.56
CA GLN B 36 14.56 29.70 35.82
C GLN B 36 15.06 30.98 35.11
N ALA B 37 15.84 31.78 35.83
CA ALA B 37 16.34 33.06 35.33
C ALA B 37 17.28 32.95 34.12
N ASP B 38 17.95 31.81 33.96
CA ASP B 38 18.92 31.61 32.87
C ASP B 38 18.34 30.96 31.61
N TRP B 39 17.05 30.62 31.65
CA TRP B 39 16.40 29.92 30.54
C TRP B 39 16.34 30.68 29.20
N PRO B 40 16.37 32.03 29.23
CA PRO B 40 16.35 32.79 27.97
C PRO B 40 17.50 32.49 27.00
N GLU B 41 18.73 32.77 27.41
CA GLU B 41 19.88 32.63 26.50
C GLU B 41 20.25 31.17 26.29
N ILE B 42 19.85 30.30 27.22
CA ILE B 42 20.02 28.86 27.03
C ILE B 42 19.11 28.38 25.90
N LYS B 43 17.84 28.78 25.96
CA LYS B 43 16.83 28.40 24.98
C LYS B 43 17.24 28.71 23.53
N SER B 44 17.80 29.90 23.31
CA SER B 44 18.17 30.32 21.96
C SER B 44 19.33 29.49 21.38
N THR B 45 20.10 28.84 22.24
CA THR B 45 21.25 28.03 21.81
C THR B 45 20.85 26.64 21.30
N LEU B 46 19.70 26.13 21.75
CA LEU B 46 19.27 24.77 21.43
C LEU B 46 18.62 24.69 20.05
N PRO B 47 18.89 23.60 19.30
CA PRO B 47 18.31 23.39 17.95
C PRO B 47 16.79 23.55 17.88
N PHE B 48 16.07 22.96 18.82
CA PHE B 48 14.60 23.02 18.86
C PHE B 48 14.07 23.83 20.06
N GLY B 49 14.97 24.42 20.84
CA GLY B 49 14.61 25.41 21.86
C GLY B 49 13.79 24.88 23.02
N LYS B 50 14.00 23.62 23.39
CA LYS B 50 13.25 23.03 24.50
C LYS B 50 14.13 22.06 25.29
N ILE B 51 13.74 21.82 26.53
CA ILE B 51 14.43 20.91 27.44
C ILE B 51 13.44 19.88 27.98
N PRO B 52 13.93 18.70 28.40
CA PRO B 52 15.33 18.33 28.58
C PRO B 52 16.09 18.06 27.27
N ILE B 53 17.40 18.22 27.33
CA ILE B 53 18.31 17.68 26.32
C ILE B 53 19.32 16.75 27.01
N LEU B 54 19.83 15.78 26.25
CA LEU B 54 20.86 14.89 26.76
C LEU B 54 22.05 14.93 25.81
N GLU B 55 23.16 15.48 26.28
CA GLU B 55 24.39 15.48 25.49
C GLU B 55 25.12 14.15 25.71
N VAL B 56 25.46 13.47 24.61
CA VAL B 56 26.19 12.21 24.64
C VAL B 56 27.46 12.37 23.81
N ASP B 57 28.60 12.46 24.47
CA ASP B 57 29.90 12.65 23.80
C ASP B 57 29.88 13.77 22.75
N GLY B 58 29.33 14.91 23.13
CA GLY B 58 29.32 16.09 22.26
C GLY B 58 28.20 16.14 21.25
N LEU B 59 27.28 15.17 21.31
CA LEU B 59 26.10 15.16 20.46
C LEU B 59 24.87 15.44 21.31
N THR B 60 24.09 16.46 20.92
CA THR B 60 22.95 16.92 21.72
C THR B 60 21.66 16.24 21.27
N LEU B 61 21.09 15.40 22.14
CA LEU B 61 19.81 14.75 21.89
C LEU B 61 18.69 15.53 22.56
N HIS B 62 17.48 15.40 22.03
CA HIS B 62 16.30 16.04 22.61
C HIS B 62 15.10 15.09 22.64
N GLN B 63 14.00 15.57 23.22
CA GLN B 63 12.73 14.83 23.34
C GLN B 63 12.83 13.72 24.38
N SER B 64 12.28 13.99 25.56
CA SER B 64 12.48 13.12 26.72
C SER B 64 12.20 11.64 26.48
N LEU B 65 11.17 11.34 25.70
CA LEU B 65 10.76 9.95 25.52
C LEU B 65 11.56 9.26 24.41
N ALA B 66 12.00 10.03 23.42
CA ALA B 66 12.93 9.52 22.41
C ALA B 66 14.22 9.07 23.12
N ILE B 67 14.67 9.91 24.04
CA ILE B 67 15.89 9.64 24.82
C ILE B 67 15.71 8.44 25.75
N ALA B 68 14.62 8.45 26.51
CA ALA B 68 14.27 7.34 27.39
C ALA B 68 14.28 6.02 26.63
N ARG B 69 13.66 6.01 25.46
CA ARG B 69 13.57 4.79 24.65
C ARG B 69 14.95 4.32 24.21
N TYR B 70 15.78 5.26 23.78
CA TYR B 70 17.13 4.98 23.33
C TYR B 70 17.98 4.35 24.44
N LEU B 71 17.93 4.96 25.62
CA LEU B 71 18.69 4.48 26.79
C LEU B 71 18.26 3.12 27.31
N THR B 72 17.01 2.73 27.09
CA THR B 72 16.51 1.44 27.59
C THR B 72 16.58 0.33 26.55
N LYS B 73 16.86 0.68 25.30
CA LYS B 73 17.10 -0.32 24.25
C LYS B 73 18.14 -1.31 24.74
N ASN B 74 17.87 -2.60 24.56
CA ASN B 74 18.79 -3.67 24.96
C ASN B 74 19.01 -3.79 26.47
N THR B 75 18.10 -3.25 27.28
CA THR B 75 18.13 -3.44 28.73
C THR B 75 16.90 -4.20 29.18
N ASP B 76 16.87 -4.57 30.45
CA ASP B 76 15.71 -5.25 31.02
C ASP B 76 14.52 -4.29 31.22
N LEU B 77 14.72 -3.01 30.94
CA LEU B 77 13.65 -2.01 31.04
C LEU B 77 12.78 -1.88 29.78
N ALA B 78 13.22 -2.47 28.68
CA ALA B 78 12.57 -2.26 27.36
C ALA B 78 11.28 -3.03 27.08
N GLY B 79 11.10 -4.19 27.71
CA GLY B 79 10.03 -5.08 27.29
C GLY B 79 10.60 -6.10 26.33
N ASN B 80 10.13 -7.34 26.47
CA ASN B 80 10.84 -8.50 25.91
C ASN B 80 10.72 -8.66 24.40
N THR B 81 9.58 -8.28 23.83
CA THR B 81 9.29 -8.47 22.41
C THR B 81 8.89 -7.18 21.71
N GLU B 82 8.88 -7.22 20.38
CA GLU B 82 8.46 -6.08 19.57
C GLU B 82 7.04 -5.64 19.93
N MET B 83 6.17 -6.61 20.22
CA MET B 83 4.81 -6.32 20.66
C MET B 83 4.80 -5.62 22.03
N GLU B 84 5.50 -6.18 23.01
CA GLU B 84 5.63 -5.52 24.31
C GLU B 84 6.17 -4.10 24.22
N GLN B 85 7.15 -3.87 23.33
CA GLN B 85 7.69 -2.53 23.12
C GLN B 85 6.59 -1.58 22.64
N CYS B 86 5.69 -2.07 21.80
CA CYS B 86 4.52 -1.30 21.38
C CYS B 86 3.67 -0.90 22.59
N HIS B 87 3.39 -1.85 23.48
CA HIS B 87 2.61 -1.55 24.69
C HIS B 87 3.33 -0.57 25.61
N VAL B 88 4.64 -0.75 25.81
CA VAL B 88 5.43 0.21 26.59
C VAL B 88 5.29 1.61 25.98
N ASP B 89 5.51 1.69 24.67
CA ASP B 89 5.39 2.95 23.93
C ASP B 89 4.01 3.59 24.04
N ALA B 90 2.95 2.78 23.94
CA ALA B 90 1.58 3.30 23.95
C ALA B 90 1.18 3.84 25.33
N ILE B 91 1.50 3.09 26.37
CA ILE B 91 1.20 3.51 27.73
C ILE B 91 1.91 4.82 28.03
N VAL B 92 3.19 4.90 27.69
CA VAL B 92 3.98 6.11 27.92
C VAL B 92 3.38 7.32 27.19
N ASP B 93 2.98 7.13 25.93
CA ASP B 93 2.37 8.22 25.18
C ASP B 93 0.99 8.60 25.73
N THR B 94 0.24 7.62 26.25
CA THR B 94 -1.04 7.90 26.87
C THR B 94 -0.86 8.82 28.11
N LEU B 95 0.07 8.45 28.98
CA LEU B 95 0.41 9.30 30.13
C LEU B 95 0.92 10.67 29.68
N ASP B 96 1.85 10.67 28.74
CA ASP B 96 2.44 11.91 28.22
C ASP B 96 1.41 12.84 27.59
N ASP B 97 0.48 12.28 26.81
CA ASP B 97 -0.60 13.06 26.19
C ASP B 97 -1.39 13.82 27.27
N PHE B 98 -1.78 13.10 28.32
CA PHE B 98 -2.58 13.69 29.38
C PHE B 98 -1.83 14.82 30.11
N MET B 99 -0.59 14.54 30.51
CA MET B 99 0.23 15.55 31.18
C MET B 99 0.46 16.77 30.28
N SER B 100 0.61 16.53 28.98
CA SER B 100 0.82 17.61 28.02
C SER B 100 -0.38 18.54 27.87
N CYS B 101 -1.58 18.05 28.18
CA CYS B 101 -2.80 18.86 28.12
C CYS B 101 -2.82 20.00 29.14
N PHE B 102 -2.10 19.86 30.25
CA PHE B 102 -2.09 20.89 31.29
C PHE B 102 -1.28 22.09 30.81
N PRO B 103 -1.81 23.32 31.00
CA PRO B 103 -1.10 24.54 30.60
C PRO B 103 -0.05 24.96 31.64
N TRP B 104 1.06 24.22 31.66
CA TRP B 104 2.13 24.41 32.64
C TRP B 104 2.74 25.82 32.61
N ALA B 105 2.92 26.38 31.41
CA ALA B 105 3.64 27.64 31.23
C ALA B 105 2.72 28.86 31.06
N GLU B 106 1.48 28.75 31.51
CA GLU B 106 0.51 29.84 31.41
C GLU B 106 0.75 30.86 32.52
N GLN B 109 -3.06 32.98 33.74
CA GLN B 109 -2.91 32.52 35.12
C GLN B 109 -4.26 32.10 35.75
N ASP B 110 -5.33 32.76 35.34
CA ASP B 110 -6.69 32.39 35.78
C ASP B 110 -7.34 31.37 34.83
N VAL B 111 -6.92 31.38 33.57
CA VAL B 111 -7.30 30.33 32.61
C VAL B 111 -6.61 29.01 32.97
N LYS B 112 -5.43 29.10 33.57
CA LYS B 112 -4.64 27.95 34.00
C LYS B 112 -5.40 27.11 35.03
N GLU B 113 -6.02 27.77 36.02
CA GLU B 113 -6.72 27.07 37.08
C GLU B 113 -7.98 26.36 36.57
N GLN B 114 -8.74 27.05 35.71
CA GLN B 114 -9.92 26.46 35.08
C GLN B 114 -9.52 25.20 34.32
N MET B 115 -8.49 25.30 33.48
CA MET B 115 -8.08 24.17 32.65
C MET B 115 -7.57 23.00 33.48
N PHE B 116 -6.85 23.28 34.56
CA PHE B 116 -6.37 22.23 35.46
C PHE B 116 -7.56 21.45 36.04
N ASN B 117 -8.58 22.17 36.51
CA ASN B 117 -9.75 21.54 37.10
C ASN B 117 -10.59 20.77 36.07
N GLU B 118 -10.73 21.31 34.86
CA GLU B 118 -11.37 20.58 33.76
C GLU B 118 -10.73 19.22 33.56
N LEU B 119 -9.40 19.20 33.45
CA LEU B 119 -8.65 17.96 33.22
C LEU B 119 -8.69 17.01 34.42
N LEU B 120 -8.59 17.57 35.62
CA LEU B 120 -8.58 16.75 36.84
C LEU B 120 -9.94 16.20 37.26
N THR B 121 -11.02 16.87 36.87
CA THR B 121 -12.37 16.44 37.24
C THR B 121 -13.02 15.59 36.17
N TYR B 122 -12.69 15.84 34.91
CA TYR B 122 -13.30 15.14 33.79
C TYR B 122 -12.41 13.98 33.32
N ASN B 123 -11.24 14.31 32.79
CA ASN B 123 -10.38 13.32 32.16
C ASN B 123 -9.68 12.36 33.11
N ALA B 124 -9.23 12.87 34.26
CA ALA B 124 -8.37 12.08 35.15
C ALA B 124 -9.04 10.79 35.65
N PRO B 125 -10.23 10.88 36.25
CA PRO B 125 -10.86 9.62 36.68
C PRO B 125 -11.06 8.61 35.55
N HIS B 126 -11.35 9.10 34.34
CA HIS B 126 -11.48 8.23 33.17
C HIS B 126 -10.15 7.58 32.80
N LEU B 127 -9.06 8.35 32.80
CA LEU B 127 -7.74 7.78 32.58
C LEU B 127 -7.41 6.74 33.66
N MET B 128 -7.75 7.04 34.90
CA MET B 128 -7.44 6.13 35.99
C MET B 128 -8.18 4.80 35.80
N GLN B 129 -9.48 4.87 35.51
CA GLN B 129 -10.27 3.65 35.31
C GLN B 129 -9.72 2.85 34.12
N ASP B 130 -9.40 3.51 33.02
CA ASP B 130 -8.82 2.83 31.85
C ASP B 130 -7.50 2.12 32.18
N LEU B 131 -6.62 2.78 32.93
CA LEU B 131 -5.34 2.18 33.33
C LEU B 131 -5.54 0.95 34.21
N ASP B 132 -6.41 1.09 35.21
CA ASP B 132 -6.71 0.01 36.13
C ASP B 132 -7.24 -1.19 35.36
N THR B 133 -8.12 -0.93 34.40
CA THR B 133 -8.63 -2.00 33.55
C THR B 133 -7.52 -2.61 32.70
N TYR B 134 -6.70 -1.77 32.07
CA TYR B 134 -5.61 -2.23 31.24
C TYR B 134 -4.61 -3.10 32.03
N LEU B 135 -4.31 -2.67 33.25
CA LEU B 135 -3.40 -3.42 34.12
C LEU B 135 -4.02 -4.75 34.54
N GLY B 136 -5.27 -4.69 34.97
CA GLY B 136 -6.00 -5.81 35.55
C GLY B 136 -5.22 -7.04 35.92
N GLY B 137 -4.88 -7.21 37.19
CA GLY B 137 -4.34 -8.48 37.69
C GLY B 137 -2.83 -8.66 37.61
N ARG B 138 -2.21 -8.09 36.58
CA ARG B 138 -0.77 -8.28 36.36
C ARG B 138 0.02 -7.47 37.38
N GLU B 139 1.25 -7.89 37.65
CA GLU B 139 2.13 -7.16 38.57
C GLU B 139 2.57 -5.85 37.96
N TRP B 140 2.89 -5.89 36.67
CA TRP B 140 3.47 -4.77 35.95
C TRP B 140 2.61 -4.40 34.73
N LEU B 141 2.78 -3.19 34.23
CA LEU B 141 1.94 -2.70 33.14
C LEU B 141 2.15 -3.47 31.83
N ILE B 142 3.40 -3.84 31.55
CA ILE B 142 3.71 -4.66 30.38
C ILE B 142 4.51 -5.90 30.76
N GLY B 143 3.97 -7.08 30.45
CA GLY B 143 4.69 -8.33 30.68
C GLY B 143 4.81 -8.69 32.15
N ASN B 144 5.80 -9.52 32.47
CA ASN B 144 5.95 -10.04 33.84
C ASN B 144 7.10 -9.41 34.64
N SER B 145 7.63 -8.30 34.17
CA SER B 145 8.71 -7.60 34.87
C SER B 145 8.58 -6.10 34.63
N VAL B 146 9.36 -5.32 35.37
CA VAL B 146 9.30 -3.86 35.32
C VAL B 146 9.82 -3.34 33.97
N THR B 147 9.18 -2.29 33.47
CA THR B 147 9.67 -1.56 32.30
C THR B 147 9.60 -0.07 32.62
N TRP B 148 10.15 0.74 31.73
CA TRP B 148 10.14 2.20 31.92
C TRP B 148 8.75 2.84 31.83
N ALA B 149 7.76 2.10 31.33
CA ALA B 149 6.36 2.52 31.43
C ALA B 149 5.90 2.57 32.90
N ASP B 150 6.27 1.55 33.70
CA ASP B 150 5.98 1.54 35.14
C ASP B 150 6.62 2.71 35.84
N PHE B 151 7.87 3.01 35.47
CA PHE B 151 8.57 4.18 35.98
C PHE B 151 7.76 5.44 35.67
N TYR B 152 7.31 5.56 34.43
CA TYR B 152 6.57 6.75 34.01
C TYR B 152 5.22 6.87 34.72
N TRP B 153 4.57 5.74 34.95
CA TRP B 153 3.33 5.77 35.72
C TRP B 153 3.62 6.39 37.09
N GLU B 154 4.62 5.85 37.78
CA GLU B 154 4.95 6.34 39.12
C GLU B 154 5.26 7.83 39.06
N ILE B 155 6.05 8.24 38.06
CA ILE B 155 6.46 9.63 37.91
C ILE B 155 5.28 10.57 37.63
N CYS B 156 4.45 10.25 36.65
CA CYS B 156 3.34 11.14 36.30
C CYS B 156 2.29 11.22 37.41
N SER B 157 2.04 10.08 38.04
CA SER B 157 1.04 9.97 39.12
C SER B 157 1.49 10.73 40.37
N THR B 158 2.80 10.78 40.62
CA THR B 158 3.31 11.58 41.73
C THR B 158 2.96 13.06 41.53
N THR B 159 3.14 13.57 40.31
CA THR B 159 2.82 14.97 40.01
C THR B 159 1.31 15.25 40.02
N LEU B 160 0.53 14.35 39.42
CA LEU B 160 -0.93 14.47 39.43
C LEU B 160 -1.51 14.46 40.86
N LEU B 161 -0.93 13.68 41.76
CA LEU B 161 -1.39 13.65 43.15
C LEU B 161 -1.17 14.97 43.89
N VAL B 162 -0.18 15.76 43.47
CA VAL B 162 0.02 17.11 44.03
C VAL B 162 -1.24 17.96 43.84
N PHE B 163 -1.84 17.91 42.64
CA PHE B 163 -3.01 18.73 42.32
C PHE B 163 -4.34 18.05 42.57
N LYS B 164 -4.33 16.72 42.64
CA LYS B 164 -5.54 15.94 42.91
C LYS B 164 -5.18 14.83 43.90
N PRO B 165 -5.10 15.18 45.19
CA PRO B 165 -4.70 14.20 46.21
C PRO B 165 -5.53 12.91 46.26
N ASP B 166 -6.79 12.97 45.82
CA ASP B 166 -7.69 11.79 45.87
C ASP B 166 -7.67 10.96 44.58
N LEU B 167 -6.70 11.23 43.72
CA LEU B 167 -6.66 10.63 42.37
C LEU B 167 -6.88 9.13 42.42
N LEU B 168 -6.19 8.47 43.36
CA LEU B 168 -6.12 7.01 43.40
C LEU B 168 -6.84 6.40 44.59
N ASP B 169 -7.66 7.19 45.28
CA ASP B 169 -8.33 6.69 46.47
C ASP B 169 -9.18 5.45 46.18
N ASN B 170 -9.71 5.34 44.97
CA ASN B 170 -10.51 4.17 44.58
C ASN B 170 -9.79 3.24 43.60
N HIS B 171 -8.46 3.37 43.48
CA HIS B 171 -7.66 2.53 42.61
C HIS B 171 -6.44 1.95 43.31
N PRO B 172 -6.67 1.06 44.30
CA PRO B 172 -5.57 0.45 45.05
C PRO B 172 -4.58 -0.35 44.19
N ARG B 173 -5.03 -0.88 43.04
CA ARG B 173 -4.13 -1.62 42.17
C ARG B 173 -3.12 -0.70 41.47
N LEU B 174 -3.51 0.55 41.21
CA LEU B 174 -2.58 1.53 40.65
C LEU B 174 -1.65 2.08 41.74
N VAL B 175 -2.12 2.13 42.98
CA VAL B 175 -1.26 2.49 44.11
C VAL B 175 -0.19 1.40 44.33
N THR B 176 -0.62 0.14 44.26
CA THR B 176 0.28 -1.03 44.33
C THR B 176 1.43 -0.94 43.29
N LEU B 177 1.11 -0.53 42.07
CA LEU B 177 2.15 -0.34 41.06
C LEU B 177 3.13 0.77 41.47
N ARG B 178 2.63 1.85 42.08
CA ARG B 178 3.50 2.93 42.57
C ARG B 178 4.42 2.40 43.66
N LYS B 179 3.86 1.64 44.60
CA LYS B 179 4.64 0.98 45.68
C LYS B 179 5.72 0.05 45.11
N LYS B 180 5.38 -0.67 44.05
CA LYS B 180 6.33 -1.63 43.47
C LYS B 180 7.53 -0.93 42.82
N VAL B 181 7.28 0.19 42.14
CA VAL B 181 8.34 0.99 41.54
C VAL B 181 9.24 1.59 42.64
N GLN B 182 8.60 2.15 43.67
CA GLN B 182 9.30 2.79 44.78
C GLN B 182 10.10 1.82 45.64
N ALA B 183 9.75 0.53 45.59
CA ALA B 183 10.47 -0.53 46.33
C ALA B 183 11.71 -1.04 45.62
N ILE B 184 11.90 -0.68 44.35
CA ILE B 184 13.12 -1.03 43.63
C ILE B 184 14.29 -0.26 44.26
N PRO B 185 15.27 -0.96 44.85
CA PRO B 185 16.30 -0.24 45.62
C PRO B 185 16.94 0.96 44.88
N ALA B 186 17.26 0.79 43.60
CA ALA B 186 17.85 1.87 42.81
C ALA B 186 16.94 3.10 42.71
N VAL B 187 15.64 2.88 42.60
CA VAL B 187 14.67 3.98 42.49
C VAL B 187 14.44 4.61 43.87
N ALA B 188 14.22 3.78 44.89
CA ALA B 188 14.07 4.25 46.29
C ALA B 188 15.24 5.14 46.69
N ASN B 189 16.43 4.69 46.35
CA ASN B 189 17.65 5.43 46.55
C ASN B 189 17.67 6.78 45.83
N TRP B 190 17.25 6.81 44.56
CA TRP B 190 17.20 8.07 43.84
C TRP B 190 16.20 9.02 44.50
N ILE B 191 15.02 8.49 44.81
CA ILE B 191 13.93 9.27 45.40
C ILE B 191 14.37 9.96 46.69
N LYS B 192 15.07 9.24 47.57
CA LYS B 192 15.53 9.87 48.79
C LYS B 192 16.66 10.88 48.55
N ARG B 193 17.43 10.74 47.47
CA ARG B 193 18.59 11.60 47.22
C ARG B 193 18.33 12.82 46.30
N ARG B 194 17.25 12.78 45.52
CA ARG B 194 16.99 13.83 44.55
C ARG B 194 16.53 15.12 45.24
N PRO B 195 16.82 16.28 44.62
CA PRO B 195 16.31 17.53 45.20
C PRO B 195 14.78 17.48 45.33
N GLN B 196 14.26 17.79 46.51
CA GLN B 196 12.81 17.84 46.74
C GLN B 196 12.23 19.05 46.03
N THR B 197 11.31 18.80 45.12
CA THR B 197 10.60 19.83 44.38
C THR B 197 9.13 19.46 44.36
N LYS B 198 8.28 20.45 44.12
CA LYS B 198 6.84 20.22 43.98
C LYS B 198 6.55 19.47 42.68
N LEU B 199 7.14 19.95 41.59
CA LEU B 199 6.93 19.38 40.27
C LEU B 199 8.19 18.75 39.71
N PRO C 2 13.36 -11.70 -2.84
CA PRO C 2 12.74 -12.98 -2.52
C PRO C 2 13.27 -14.13 -3.39
N ASN C 3 12.86 -15.35 -3.08
CA ASN C 3 13.25 -16.54 -3.85
C ASN C 3 12.27 -16.79 -5.00
N TYR C 4 12.75 -16.58 -6.23
CA TYR C 4 11.95 -16.79 -7.42
C TYR C 4 12.31 -18.09 -8.12
N LYS C 5 11.28 -18.84 -8.52
CA LYS C 5 11.48 -20.04 -9.33
C LYS C 5 10.46 -20.03 -10.47
N LEU C 6 10.97 -19.87 -11.69
CA LEU C 6 10.16 -19.92 -12.90
C LEU C 6 10.17 -21.35 -13.43
N THR C 7 8.99 -21.88 -13.73
CA THR C 7 8.85 -23.23 -14.27
C THR C 7 8.19 -23.18 -15.66
N TYR C 8 8.83 -23.81 -16.65
CA TYR C 8 8.30 -23.82 -18.01
C TYR C 8 9.03 -24.91 -18.81
N PHE C 9 8.64 -25.10 -20.07
CA PHE C 9 9.39 -25.98 -20.97
C PHE C 9 10.74 -25.35 -21.30
N ASN C 10 11.68 -26.19 -21.75
CA ASN C 10 12.93 -25.71 -22.30
C ASN C 10 12.65 -25.07 -23.65
N MET C 11 12.21 -23.82 -23.58
CA MET C 11 11.68 -23.08 -24.72
C MET C 11 11.62 -21.62 -24.31
N ARG C 12 11.65 -20.72 -25.29
CA ARG C 12 11.34 -19.31 -25.02
C ARG C 12 9.86 -19.22 -24.74
N GLY C 13 9.05 -19.42 -25.78
CA GLY C 13 7.61 -19.55 -25.61
C GLY C 13 7.00 -18.45 -24.75
N ARG C 14 6.08 -18.84 -23.88
CA ARG C 14 5.33 -17.91 -23.06
C ARG C 14 6.10 -17.37 -21.85
N ALA C 15 7.20 -18.03 -21.49
CA ALA C 15 8.00 -17.65 -20.33
C ALA C 15 9.04 -16.58 -20.63
N GLU C 16 9.41 -16.39 -21.90
CA GLU C 16 10.54 -15.50 -22.25
C GLU C 16 10.36 -14.06 -21.79
N ILE C 17 9.16 -13.52 -21.92
CA ILE C 17 8.86 -12.16 -21.44
C ILE C 17 9.23 -12.01 -19.96
N ILE C 18 8.92 -13.04 -19.15
CA ILE C 18 9.27 -13.03 -17.72
C ILE C 18 10.80 -13.05 -17.56
N ARG C 19 11.48 -13.81 -18.41
CA ARG C 19 12.94 -13.94 -18.37
C ARG C 19 13.67 -12.66 -18.80
N TYR C 20 13.10 -11.91 -19.75
CA TYR C 20 13.65 -10.61 -20.16
C TYR C 20 13.57 -9.62 -18.99
N ILE C 21 12.44 -9.63 -18.31
CA ILE C 21 12.18 -8.68 -17.21
C ILE C 21 13.10 -8.94 -16.02
N PHE C 22 13.28 -10.21 -15.68
CA PHE C 22 14.23 -10.60 -14.65
C PHE C 22 15.64 -10.11 -14.96
N ALA C 23 16.10 -10.39 -16.17
CA ALA C 23 17.42 -9.94 -16.62
C ALA C 23 17.55 -8.42 -16.55
N TYR C 24 16.58 -7.72 -17.14
CA TYR C 24 16.64 -6.26 -17.22
C TYR C 24 16.66 -5.58 -15.87
N LEU C 25 15.82 -6.05 -14.96
CA LEU C 25 15.74 -5.48 -13.60
C LEU C 25 16.84 -6.03 -12.67
N ASP C 26 17.73 -6.86 -13.21
CA ASP C 26 18.79 -7.52 -12.44
C ASP C 26 18.23 -8.26 -11.23
N ILE C 27 17.19 -9.05 -11.46
CA ILE C 27 16.56 -9.83 -10.38
C ILE C 27 16.91 -11.30 -10.59
N GLN C 28 17.55 -11.89 -9.58
CA GLN C 28 17.98 -13.27 -9.65
C GLN C 28 16.78 -14.22 -9.50
N TYR C 29 16.81 -15.33 -10.23
CA TYR C 29 15.75 -16.34 -10.19
C TYR C 29 16.26 -17.71 -10.66
N GLU C 30 15.58 -18.78 -10.27
CA GLU C 30 15.83 -20.11 -10.82
C GLU C 30 15.02 -20.31 -12.10
N ASP C 31 15.72 -20.56 -13.20
CA ASP C 31 15.10 -20.75 -14.50
C ASP C 31 14.91 -22.24 -14.75
N HIS C 32 13.95 -22.83 -14.06
CA HIS C 32 13.71 -24.27 -14.13
C HIS C 32 13.02 -24.66 -15.42
N ARG C 33 13.68 -25.48 -16.23
CA ARG C 33 13.13 -25.99 -17.48
C ARG C 33 12.86 -27.48 -17.34
N ILE C 34 11.62 -27.88 -17.65
CA ILE C 34 11.18 -29.26 -17.47
C ILE C 34 11.24 -30.06 -18.78
N GLU C 35 11.20 -31.38 -18.63
CA GLU C 35 11.09 -32.29 -19.76
C GLU C 35 9.64 -32.73 -19.91
N GLN C 36 9.20 -32.93 -21.15
CA GLN C 36 7.83 -33.38 -21.45
C GLN C 36 7.40 -34.53 -20.55
N ALA C 37 8.31 -35.48 -20.32
CA ALA C 37 8.03 -36.64 -19.49
C ALA C 37 7.58 -36.29 -18.07
N ASP C 38 8.11 -35.20 -17.52
CA ASP C 38 7.80 -34.81 -16.14
C ASP C 38 6.61 -33.85 -16.03
N TRP C 39 5.97 -33.54 -17.16
CA TRP C 39 4.87 -32.58 -17.21
C TRP C 39 3.59 -33.09 -16.51
N PRO C 40 3.25 -34.39 -16.68
CA PRO C 40 2.11 -34.96 -15.94
C PRO C 40 2.19 -34.85 -14.41
N GLU C 41 3.36 -35.08 -13.83
CA GLU C 41 3.54 -35.00 -12.38
C GLU C 41 3.40 -33.55 -11.90
N ILE C 42 3.96 -32.63 -12.67
CA ILE C 42 3.92 -31.19 -12.34
C ILE C 42 2.54 -30.59 -12.62
N LYS C 43 1.98 -30.88 -13.78
CA LYS C 43 0.67 -30.34 -14.19
C LYS C 43 -0.40 -30.53 -13.11
N SER C 44 -0.47 -31.74 -12.57
CA SER C 44 -1.50 -32.11 -11.61
C SER C 44 -1.52 -31.26 -10.34
N THR C 45 -0.35 -30.72 -9.97
CA THR C 45 -0.24 -29.88 -8.77
C THR C 45 -0.62 -28.44 -9.07
N LEU C 46 -0.71 -28.09 -10.35
CA LEU C 46 -1.02 -26.71 -10.74
C LEU C 46 -2.52 -26.43 -10.60
N PRO C 47 -2.87 -25.23 -10.06
CA PRO C 47 -4.27 -24.85 -9.88
C PRO C 47 -5.07 -24.87 -11.20
N PHE C 48 -4.45 -24.45 -12.31
CA PHE C 48 -5.11 -24.40 -13.62
C PHE C 48 -4.44 -25.24 -14.72
N GLY C 49 -3.45 -26.04 -14.34
CA GLY C 49 -2.84 -27.02 -15.24
C GLY C 49 -1.98 -26.44 -16.36
N LYS C 50 -1.52 -25.20 -16.19
CA LYS C 50 -0.79 -24.51 -17.25
C LYS C 50 0.54 -23.94 -16.77
N ILE C 51 1.49 -23.85 -17.69
CA ILE C 51 2.76 -23.17 -17.44
C ILE C 51 2.92 -22.04 -18.46
N PRO C 52 3.70 -20.99 -18.12
CA PRO C 52 4.54 -20.85 -16.93
C PRO C 52 3.82 -20.60 -15.62
N ILE C 53 4.52 -20.95 -14.54
CA ILE C 53 4.19 -20.51 -13.19
C ILE C 53 5.45 -19.90 -12.58
N LEU C 54 5.25 -19.00 -11.61
CA LEU C 54 6.36 -18.44 -10.84
C LEU C 54 6.07 -18.71 -9.37
N GLU C 55 7.05 -19.29 -8.67
CA GLU C 55 6.96 -19.48 -7.24
C GLU C 55 7.72 -18.36 -6.56
N VAL C 56 7.03 -17.62 -5.70
CA VAL C 56 7.60 -16.50 -4.96
C VAL C 56 7.51 -16.82 -3.47
N ASP C 57 8.64 -17.19 -2.89
CA ASP C 57 8.71 -17.62 -1.49
C ASP C 57 7.67 -18.70 -1.20
N GLY C 58 7.62 -19.72 -2.06
CA GLY C 58 6.71 -20.86 -1.89
C GLY C 58 5.25 -20.58 -2.25
N LEU C 59 4.97 -19.42 -2.81
CA LEU C 59 3.62 -19.06 -3.25
C LEU C 59 3.58 -19.06 -4.76
N THR C 60 2.59 -19.75 -5.34
CA THR C 60 2.48 -19.93 -6.78
C THR C 60 1.71 -18.81 -7.49
N LEU C 61 2.31 -18.26 -8.53
CA LEU C 61 1.66 -17.32 -9.43
C LEU C 61 1.54 -17.99 -10.80
N HIS C 62 0.53 -17.61 -11.57
CA HIS C 62 0.32 -18.16 -12.92
C HIS C 62 -0.11 -17.06 -13.90
N GLN C 63 -0.18 -17.42 -15.18
CA GLN C 63 -0.44 -16.49 -16.28
C GLN C 63 0.76 -15.58 -16.59
N SER C 64 1.38 -15.83 -17.74
CA SER C 64 2.66 -15.23 -18.09
C SER C 64 2.63 -13.69 -18.04
N LEU C 65 1.57 -13.10 -18.58
CA LEU C 65 1.45 -11.63 -18.60
C LEU C 65 1.01 -11.05 -17.25
N ALA C 66 0.29 -11.82 -16.45
CA ALA C 66 -0.02 -11.43 -15.08
C ALA C 66 1.25 -11.37 -14.22
N ILE C 67 2.13 -12.36 -14.42
CA ILE C 67 3.43 -12.42 -13.77
C ILE C 67 4.35 -11.31 -14.28
N ALA C 68 4.44 -11.15 -15.61
CA ALA C 68 5.24 -10.07 -16.20
C ALA C 68 4.86 -8.71 -15.62
N ARG C 69 3.57 -8.42 -15.56
CA ARG C 69 3.09 -7.13 -15.06
C ARG C 69 3.45 -6.94 -13.60
N TYR C 70 3.33 -8.02 -12.84
CA TYR C 70 3.63 -8.00 -11.41
C TYR C 70 5.10 -7.67 -11.16
N LEU C 71 5.98 -8.20 -12.01
CA LEU C 71 7.43 -7.96 -11.87
C LEU C 71 7.82 -6.56 -12.30
N THR C 72 7.04 -5.93 -13.18
CA THR C 72 7.35 -4.59 -13.64
C THR C 72 6.71 -3.48 -12.80
N LYS C 73 5.89 -3.85 -11.81
CA LYS C 73 5.21 -2.88 -10.95
C LYS C 73 6.20 -1.91 -10.30
N ASN C 74 5.88 -0.63 -10.37
CA ASN C 74 6.69 0.44 -9.77
C ASN C 74 8.06 0.62 -10.42
N THR C 75 8.21 0.16 -11.66
CA THR C 75 9.48 0.33 -12.40
C THR C 75 9.26 1.09 -13.69
N ASP C 76 10.36 1.57 -14.27
CA ASP C 76 10.34 2.26 -15.57
C ASP C 76 9.73 1.42 -16.69
N LEU C 77 9.94 0.11 -16.64
CA LEU C 77 9.45 -0.82 -17.67
C LEU C 77 7.94 -0.80 -17.84
N ALA C 78 7.21 -0.52 -16.76
CA ALA C 78 5.79 -0.21 -16.89
C ALA C 78 5.71 1.15 -17.55
N GLY C 79 4.54 1.53 -18.02
CA GLY C 79 4.36 2.91 -18.46
C GLY C 79 4.71 3.87 -17.33
N ASN C 80 5.12 5.09 -17.70
CA ASN C 80 5.46 6.11 -16.73
C ASN C 80 4.22 6.72 -16.08
N THR C 81 3.08 6.66 -16.77
CA THR C 81 1.79 7.08 -16.23
C THR C 81 0.80 5.90 -16.27
N GLU C 82 -0.33 6.04 -15.59
CA GLU C 82 -1.39 5.03 -15.66
C GLU C 82 -1.90 4.86 -17.11
N MET C 83 -2.03 5.98 -17.82
CA MET C 83 -2.42 5.96 -19.23
C MET C 83 -1.43 5.17 -20.07
N GLU C 84 -0.14 5.43 -19.89
CA GLU C 84 0.89 4.70 -20.63
C GLU C 84 0.86 3.22 -20.28
N GLN C 85 0.69 2.91 -18.99
CA GLN C 85 0.52 1.54 -18.54
C GLN C 85 -0.65 0.84 -19.27
N CYS C 86 -1.72 1.58 -19.52
CA CYS C 86 -2.83 1.08 -20.32
C CYS C 86 -2.38 0.74 -21.75
N HIS C 87 -1.66 1.66 -22.40
CA HIS C 87 -1.16 1.42 -23.75
C HIS C 87 -0.20 0.24 -23.78
N VAL C 88 0.61 0.11 -22.72
CA VAL C 88 1.52 -1.00 -22.62
C VAL C 88 0.75 -2.32 -22.54
N ASP C 89 -0.21 -2.38 -21.63
CA ASP C 89 -1.04 -3.58 -21.47
C ASP C 89 -1.79 -3.92 -22.77
N ALA C 90 -2.26 -2.90 -23.48
CA ALA C 90 -3.06 -3.11 -24.69
C ALA C 90 -2.23 -3.70 -25.83
N ILE C 91 -1.03 -3.15 -26.04
CA ILE C 91 -0.14 -3.67 -27.08
C ILE C 91 0.24 -5.11 -26.76
N VAL C 92 0.50 -5.41 -25.49
CA VAL C 92 0.86 -6.75 -25.07
C VAL C 92 -0.27 -7.75 -25.35
N ASP C 93 -1.50 -7.37 -25.03
CA ASP C 93 -2.64 -8.24 -25.29
C ASP C 93 -2.94 -8.39 -26.79
N THR C 94 -2.66 -7.35 -27.59
CA THR C 94 -2.83 -7.44 -29.05
C THR C 94 -1.84 -8.45 -29.65
N LEU C 95 -0.59 -8.38 -29.18
CA LEU C 95 0.45 -9.33 -29.58
C LEU C 95 0.09 -10.73 -29.08
N ASP C 96 -0.32 -10.85 -27.83
CA ASP C 96 -0.70 -12.17 -27.25
C ASP C 96 -1.92 -12.77 -27.97
N ASP C 97 -2.91 -11.95 -28.31
CA ASP C 97 -4.09 -12.44 -29.05
C ASP C 97 -3.66 -13.07 -30.38
N PHE C 98 -2.77 -12.38 -31.10
CA PHE C 98 -2.35 -12.85 -32.41
C PHE C 98 -1.56 -14.17 -32.31
N MET C 99 -0.64 -14.24 -31.35
CA MET C 99 0.20 -15.43 -31.19
C MET C 99 -0.66 -16.63 -30.76
N SER C 100 -1.66 -16.37 -29.92
CA SER C 100 -2.64 -17.39 -29.50
C SER C 100 -3.45 -17.99 -30.64
N CYS C 101 -3.52 -17.32 -31.78
CA CYS C 101 -4.24 -17.88 -32.95
C CYS C 101 -3.52 -19.06 -33.60
N PHE C 102 -2.20 -19.15 -33.42
CA PHE C 102 -1.42 -20.21 -34.06
C PHE C 102 -1.66 -21.55 -33.36
N PRO C 103 -1.83 -22.64 -34.14
CA PRO C 103 -2.00 -23.99 -33.60
C PRO C 103 -0.65 -24.61 -33.25
N TRP C 104 -0.08 -24.17 -32.12
CA TRP C 104 1.28 -24.54 -31.75
C TRP C 104 1.42 -26.01 -31.43
N ALA C 105 0.37 -26.60 -30.85
CA ALA C 105 0.39 -28.00 -30.41
C ALA C 105 -0.25 -28.96 -31.42
N GLU C 106 -0.61 -28.45 -32.60
CA GLU C 106 -1.25 -29.27 -33.62
C GLU C 106 -0.30 -30.34 -34.11
N LYS C 107 -0.76 -31.59 -34.03
CA LYS C 107 0.05 -32.74 -34.38
C LYS C 107 -0.01 -33.08 -35.88
N LYS C 108 -1.11 -32.69 -36.54
CA LYS C 108 -1.26 -32.96 -37.97
C LYS C 108 -0.46 -31.91 -38.74
N GLN C 109 0.69 -32.34 -39.28
CA GLN C 109 1.67 -31.43 -39.86
C GLN C 109 1.15 -30.65 -41.07
N ASP C 110 0.31 -31.27 -41.90
CA ASP C 110 -0.29 -30.56 -43.04
C ASP C 110 -1.22 -29.44 -42.56
N VAL C 111 -2.16 -29.77 -41.66
CA VAL C 111 -3.06 -28.77 -41.09
C VAL C 111 -2.30 -27.63 -40.43
N LYS C 112 -1.28 -28.00 -39.65
CA LYS C 112 -0.43 -27.00 -39.01
C LYS C 112 0.20 -26.05 -40.03
N GLU C 113 0.80 -26.63 -41.06
CA GLU C 113 1.38 -25.85 -42.17
C GLU C 113 0.39 -24.87 -42.79
N GLN C 114 -0.80 -25.37 -43.14
CA GLN C 114 -1.83 -24.58 -43.80
C GLN C 114 -2.28 -23.41 -42.94
N MET C 115 -2.52 -23.70 -41.66
CA MET C 115 -3.00 -22.70 -40.71
C MET C 115 -1.96 -21.60 -40.48
N PHE C 116 -0.71 -21.99 -40.27
CA PHE C 116 0.40 -21.03 -40.14
C PHE C 116 0.53 -20.16 -41.38
N ASN C 117 0.47 -20.78 -42.56
CA ASN C 117 0.60 -20.06 -43.81
C ASN C 117 -0.52 -19.03 -43.96
N GLU C 118 -1.75 -19.45 -43.69
CA GLU C 118 -2.88 -18.53 -43.73
C GLU C 118 -2.70 -17.37 -42.75
N LEU C 119 -2.25 -17.66 -41.53
CA LEU C 119 -2.04 -16.63 -40.52
C LEU C 119 -0.91 -15.68 -40.90
N LEU C 120 0.14 -16.21 -41.53
CA LEU C 120 1.33 -15.42 -41.87
C LEU C 120 1.18 -14.66 -43.19
N THR C 121 0.31 -15.13 -44.06
CA THR C 121 0.06 -14.48 -45.35
C THR C 121 -0.96 -13.35 -45.27
N TYR C 122 -1.99 -13.53 -44.44
CA TYR C 122 -3.11 -12.60 -44.36
C TYR C 122 -3.09 -11.76 -43.08
N ASN C 123 -3.21 -12.43 -41.94
CA ASN C 123 -3.31 -11.75 -40.65
C ASN C 123 -2.04 -10.99 -40.24
N ALA C 124 -0.89 -11.62 -40.38
CA ALA C 124 0.38 -11.02 -39.93
C ALA C 124 0.66 -9.66 -40.59
N PRO C 125 0.64 -9.59 -41.94
CA PRO C 125 0.90 -8.31 -42.62
C PRO C 125 -0.03 -7.18 -42.20
N HIS C 126 -1.33 -7.48 -42.03
CA HIS C 126 -2.33 -6.55 -41.52
C HIS C 126 -1.88 -6.00 -40.17
N LEU C 127 -1.55 -6.90 -39.24
CA LEU C 127 -1.06 -6.50 -37.93
C LEU C 127 0.27 -5.72 -37.99
N MET C 128 1.19 -6.12 -38.85
CA MET C 128 2.47 -5.41 -38.95
C MET C 128 2.24 -3.95 -39.33
N GLN C 129 1.30 -3.69 -40.25
CA GLN C 129 0.98 -2.32 -40.64
C GLN C 129 0.41 -1.53 -39.47
N ASP C 130 -0.43 -2.17 -38.65
CA ASP C 130 -0.98 -1.50 -37.46
C ASP C 130 0.11 -1.16 -36.44
N LEU C 131 1.01 -2.10 -36.15
CA LEU C 131 2.11 -1.86 -35.22
C LEU C 131 3.09 -0.80 -35.73
N ASP C 132 3.40 -0.87 -37.02
CA ASP C 132 4.33 0.07 -37.65
C ASP C 132 3.77 1.48 -37.58
N THR C 133 2.53 1.64 -38.02
CA THR C 133 1.83 2.93 -37.96
C THR C 133 1.68 3.45 -36.53
N TYR C 134 1.40 2.56 -35.58
CA TYR C 134 1.28 2.92 -34.18
C TYR C 134 2.61 3.43 -33.60
N LEU C 135 3.71 2.76 -33.93
CA LEU C 135 5.06 3.18 -33.50
C LEU C 135 5.42 4.51 -34.13
N GLY C 136 5.00 4.70 -35.39
CA GLY C 136 5.40 5.83 -36.20
C GLY C 136 6.90 5.98 -36.25
N GLY C 137 7.37 7.22 -36.26
CA GLY C 137 8.79 7.54 -36.26
C GLY C 137 9.39 7.69 -34.86
N ARG C 138 8.67 7.24 -33.83
CA ARG C 138 9.12 7.37 -32.44
C ARG C 138 10.12 6.27 -32.05
N GLU C 139 10.78 6.47 -30.90
CA GLU C 139 11.81 5.54 -30.43
C GLU C 139 11.23 4.22 -29.97
N TRP C 140 10.23 4.29 -29.08
CA TRP C 140 9.62 3.10 -28.48
C TRP C 140 8.10 3.08 -28.72
N LEU C 141 7.49 1.92 -28.54
CA LEU C 141 6.04 1.80 -28.78
C LEU C 141 5.21 2.75 -27.90
N ILE C 142 5.57 2.86 -26.62
CA ILE C 142 4.87 3.73 -25.67
C ILE C 142 5.83 4.70 -24.96
N GLY C 143 5.60 5.99 -25.15
CA GLY C 143 6.30 7.02 -24.37
C GLY C 143 7.75 7.23 -24.72
N ASN C 144 8.52 7.68 -23.74
CA ASN C 144 9.90 8.16 -23.95
C ASN C 144 10.98 7.12 -23.80
N SER C 145 10.66 6.01 -23.12
CA SER C 145 11.64 5.00 -22.75
C SER C 145 11.10 3.62 -23.03
N VAL C 146 11.96 2.62 -22.87
CA VAL C 146 11.58 1.26 -23.20
C VAL C 146 10.55 0.72 -22.20
N THR C 147 9.58 -0.06 -22.68
CA THR C 147 8.64 -0.79 -21.81
C THR C 147 8.64 -2.28 -22.12
N TRP C 148 8.01 -3.08 -21.26
CA TRP C 148 7.94 -4.52 -21.51
C TRP C 148 7.06 -4.83 -22.75
N ALA C 149 6.33 -3.84 -23.24
CA ALA C 149 5.68 -3.94 -24.55
C ALA C 149 6.70 -4.04 -25.68
N ASP C 150 7.78 -3.28 -25.60
CA ASP C 150 8.85 -3.38 -26.60
C ASP C 150 9.51 -4.76 -26.52
N PHE C 151 9.77 -5.21 -25.30
CA PHE C 151 10.28 -6.56 -25.04
C PHE C 151 9.42 -7.60 -25.75
N TYR C 152 8.13 -7.58 -25.49
CA TYR C 152 7.23 -8.60 -26.03
C TYR C 152 7.16 -8.56 -27.55
N TRP C 153 7.16 -7.36 -28.13
CA TRP C 153 7.23 -7.24 -29.58
C TRP C 153 8.47 -7.94 -30.12
N GLU C 154 9.62 -7.72 -29.49
CA GLU C 154 10.85 -8.36 -29.94
C GLU C 154 10.75 -9.88 -29.80
N ILE C 155 10.21 -10.33 -28.69
CA ILE C 155 10.09 -11.77 -28.42
C ILE C 155 9.11 -12.46 -29.38
N CYS C 156 7.94 -11.86 -29.58
CA CYS C 156 6.93 -12.44 -30.46
C CYS C 156 7.38 -12.44 -31.92
N SER C 157 8.02 -11.36 -32.35
CA SER C 157 8.49 -11.22 -33.71
C SER C 157 9.67 -12.16 -34.01
N THR C 158 10.56 -12.37 -33.04
CA THR C 158 11.64 -13.34 -33.16
C THR C 158 11.10 -14.72 -33.52
N THR C 159 10.03 -15.13 -32.83
CA THR C 159 9.40 -16.42 -33.13
C THR C 159 8.70 -16.40 -34.49
N LEU C 160 7.95 -15.35 -34.79
CA LEU C 160 7.29 -15.22 -36.10
C LEU C 160 8.30 -15.29 -37.24
N LEU C 161 9.46 -14.67 -37.04
CA LEU C 161 10.51 -14.63 -38.08
C LEU C 161 11.08 -16.02 -38.42
N VAL C 162 11.06 -16.93 -37.44
CA VAL C 162 11.42 -18.32 -37.70
C VAL C 162 10.58 -18.91 -38.84
N PHE C 163 9.29 -18.60 -38.86
CA PHE C 163 8.36 -19.17 -39.84
C PHE C 163 8.17 -18.31 -41.08
N LYS C 164 8.27 -16.99 -40.93
CA LYS C 164 8.21 -16.06 -42.06
C LYS C 164 9.41 -15.10 -41.97
N PRO C 165 10.57 -15.52 -42.51
CA PRO C 165 11.79 -14.71 -42.46
C PRO C 165 11.64 -13.32 -43.08
N ASP C 166 10.75 -13.19 -44.06
CA ASP C 166 10.53 -11.92 -44.77
C ASP C 166 9.42 -11.05 -44.17
N LEU C 167 8.95 -11.43 -42.98
CA LEU C 167 7.85 -10.74 -42.29
C LEU C 167 8.04 -9.22 -42.22
N LEU C 168 9.25 -8.77 -41.93
CA LEU C 168 9.52 -7.35 -41.66
C LEU C 168 10.31 -6.62 -42.75
N ASP C 169 10.41 -7.22 -43.93
CA ASP C 169 11.18 -6.65 -45.02
C ASP C 169 10.66 -5.30 -45.53
N ASN C 170 9.37 -5.01 -45.29
CA ASN C 170 8.81 -3.71 -45.63
C ASN C 170 8.46 -2.90 -44.38
N HIS C 171 9.02 -3.31 -43.24
CA HIS C 171 8.78 -2.64 -41.96
C HIS C 171 10.10 -2.36 -41.24
N PRO C 172 10.97 -1.52 -41.85
CA PRO C 172 12.26 -1.20 -41.25
C PRO C 172 12.14 -0.59 -39.84
N ARG C 173 11.09 0.19 -39.61
CA ARG C 173 10.88 0.79 -38.30
C ARG C 173 10.68 -0.26 -37.21
N LEU C 174 10.03 -1.38 -37.57
CA LEU C 174 9.82 -2.48 -36.61
C LEU C 174 11.07 -3.35 -36.46
N VAL C 175 11.86 -3.43 -37.53
CA VAL C 175 13.18 -4.08 -37.46
C VAL C 175 14.08 -3.28 -36.50
N THR C 176 14.11 -1.96 -36.68
CA THR C 176 14.88 -1.06 -35.82
C THR C 176 14.49 -1.24 -34.34
N LEU C 177 13.20 -1.37 -34.06
CA LEU C 177 12.76 -1.54 -32.68
C LEU C 177 13.31 -2.84 -32.11
N ARG C 178 13.26 -3.93 -32.88
CA ARG C 178 13.81 -5.21 -32.44
C ARG C 178 15.27 -5.04 -32.07
N LYS C 179 16.02 -4.35 -32.93
CA LYS C 179 17.44 -4.13 -32.73
C LYS C 179 17.70 -3.27 -31.49
N LYS C 180 16.90 -2.22 -31.31
CA LYS C 180 17.02 -1.39 -30.12
C LYS C 180 16.85 -2.24 -28.87
N VAL C 181 15.81 -3.08 -28.85
CA VAL C 181 15.56 -3.94 -27.70
C VAL C 181 16.70 -4.93 -27.46
N GLN C 182 17.14 -5.58 -28.53
CA GLN C 182 18.19 -6.58 -28.39
C GLN C 182 19.50 -5.96 -27.88
N ALA C 183 19.75 -4.72 -28.29
CA ALA C 183 20.99 -4.03 -27.94
C ALA C 183 21.03 -3.52 -26.48
N ILE C 184 19.90 -3.50 -25.78
CA ILE C 184 19.92 -3.15 -24.36
C ILE C 184 20.88 -4.13 -23.67
N PRO C 185 21.89 -3.62 -22.92
CA PRO C 185 22.94 -4.51 -22.43
C PRO C 185 22.45 -5.75 -21.69
N ALA C 186 21.51 -5.61 -20.76
CA ALA C 186 20.99 -6.76 -20.01
C ALA C 186 20.32 -7.77 -20.94
N VAL C 187 19.59 -7.28 -21.95
CA VAL C 187 18.97 -8.14 -22.95
C VAL C 187 20.00 -8.80 -23.87
N ALA C 188 20.97 -8.03 -24.34
CA ALA C 188 22.04 -8.57 -25.19
C ALA C 188 22.81 -9.69 -24.47
N ASN C 189 23.03 -9.52 -23.17
CA ASN C 189 23.66 -10.55 -22.34
C ASN C 189 22.76 -11.79 -22.17
N TRP C 190 21.49 -11.58 -21.87
CA TRP C 190 20.55 -12.70 -21.72
C TRP C 190 20.43 -13.49 -23.02
N ILE C 191 20.27 -12.78 -24.12
CA ILE C 191 20.15 -13.41 -25.45
C ILE C 191 21.32 -14.34 -25.79
N LYS C 192 22.52 -14.00 -25.35
CA LYS C 192 23.70 -14.83 -25.59
C LYS C 192 23.79 -15.98 -24.60
N ARG C 193 23.39 -15.73 -23.35
CA ARG C 193 23.54 -16.73 -22.29
C ARG C 193 22.37 -17.71 -22.17
N ARG C 194 21.24 -17.42 -22.82
CA ARG C 194 20.07 -18.28 -22.69
C ARG C 194 20.23 -19.61 -23.44
N PRO C 195 19.51 -20.65 -23.00
CA PRO C 195 19.48 -21.86 -23.80
C PRO C 195 18.93 -21.58 -25.20
N GLN C 196 19.58 -22.14 -26.20
CA GLN C 196 19.22 -21.87 -27.58
C GLN C 196 18.20 -22.91 -28.02
N THR C 197 17.03 -22.42 -28.41
CA THR C 197 15.91 -23.28 -28.80
C THR C 197 15.25 -22.62 -30.00
N LYS C 198 14.61 -23.43 -30.85
CA LYS C 198 13.92 -22.88 -32.03
C LYS C 198 12.82 -21.92 -31.60
N LEU C 199 12.01 -22.35 -30.62
CA LEU C 199 10.84 -21.59 -30.18
C LEU C 199 10.97 -21.14 -28.73
N ALA D 1 -12.85 15.35 -13.38
CA ALA D 1 -13.79 14.41 -14.07
C ALA D 1 -13.56 14.45 -15.59
N PRO D 2 -12.98 13.37 -16.16
CA PRO D 2 -12.80 13.29 -17.61
C PRO D 2 -14.03 12.78 -18.36
N ASN D 3 -14.16 13.14 -19.64
CA ASN D 3 -15.23 12.63 -20.49
C ASN D 3 -14.88 11.26 -21.06
N TYR D 4 -15.77 10.27 -20.86
CA TYR D 4 -15.58 8.90 -21.35
C TYR D 4 -16.60 8.50 -22.41
N LYS D 5 -16.12 7.89 -23.50
CA LYS D 5 -16.99 7.34 -24.55
C LYS D 5 -16.53 5.92 -24.92
N LEU D 6 -17.38 4.94 -24.61
CA LEU D 6 -17.10 3.52 -24.83
C LEU D 6 -17.84 3.08 -26.09
N THR D 7 -17.12 2.50 -27.05
CA THR D 7 -17.73 2.07 -28.31
C THR D 7 -17.62 0.56 -28.43
N TYR D 8 -18.75 -0.09 -28.69
CA TYR D 8 -18.80 -1.54 -28.85
C TYR D 8 -20.09 -1.88 -29.59
N PHE D 9 -20.31 -3.17 -29.85
CA PHE D 9 -21.57 -3.62 -30.40
C PHE D 9 -22.67 -3.57 -29.33
N ASN D 10 -23.92 -3.71 -29.76
CA ASN D 10 -25.05 -3.71 -28.84
C ASN D 10 -25.19 -5.08 -28.17
N MET D 11 -24.30 -5.31 -27.21
CA MET D 11 -24.30 -6.54 -26.44
C MET D 11 -23.39 -6.36 -25.26
N ARG D 12 -23.45 -7.31 -24.33
CA ARG D 12 -22.53 -7.31 -23.19
C ARG D 12 -21.12 -7.57 -23.74
N GLY D 13 -20.87 -8.78 -24.22
CA GLY D 13 -19.62 -9.10 -24.88
C GLY D 13 -18.39 -8.69 -24.09
N ARG D 14 -17.35 -8.30 -24.79
CA ARG D 14 -16.09 -7.85 -24.17
C ARG D 14 -16.13 -6.45 -23.55
N ALA D 15 -17.24 -5.73 -23.72
CA ALA D 15 -17.39 -4.38 -23.14
C ALA D 15 -17.92 -4.41 -21.71
N GLU D 16 -18.67 -5.47 -21.38
CA GLU D 16 -19.44 -5.51 -20.14
C GLU D 16 -18.60 -5.32 -18.87
N ILE D 17 -17.39 -5.88 -18.85
CA ILE D 17 -16.49 -5.71 -17.70
C ILE D 17 -16.24 -4.22 -17.43
N ILE D 18 -16.03 -3.46 -18.50
CA ILE D 18 -15.84 -2.02 -18.42
C ILE D 18 -17.11 -1.33 -17.90
N ARG D 19 -18.26 -1.74 -18.43
CA ARG D 19 -19.54 -1.20 -18.00
C ARG D 19 -19.80 -1.46 -16.50
N TYR D 20 -19.46 -2.66 -16.02
CA TYR D 20 -19.58 -2.97 -14.59
C TYR D 20 -18.70 -2.04 -13.74
N ILE D 21 -17.49 -1.75 -14.21
CA ILE D 21 -16.55 -0.90 -13.49
C ILE D 21 -17.05 0.55 -13.40
N PHE D 22 -17.50 1.11 -14.52
CA PHE D 22 -18.08 2.46 -14.50
C PHE D 22 -19.23 2.54 -13.49
N ALA D 23 -20.10 1.53 -13.48
CA ALA D 23 -21.23 1.47 -12.55
C ALA D 23 -20.80 1.48 -11.09
N TYR D 24 -19.95 0.51 -10.72
CA TYR D 24 -19.45 0.39 -9.35
C TYR D 24 -18.75 1.67 -8.88
N LEU D 25 -17.92 2.25 -9.74
CA LEU D 25 -17.21 3.48 -9.40
C LEU D 25 -18.07 4.75 -9.55
N ASP D 26 -19.28 4.60 -10.11
CA ASP D 26 -20.23 5.70 -10.24
C ASP D 26 -19.69 6.79 -11.16
N ILE D 27 -19.16 6.36 -12.29
CA ILE D 27 -18.58 7.27 -13.27
C ILE D 27 -19.49 7.31 -14.49
N GLN D 28 -19.87 8.52 -14.89
CA GLN D 28 -20.71 8.71 -16.05
C GLN D 28 -19.90 8.50 -17.32
N TYR D 29 -20.52 7.89 -18.32
CA TYR D 29 -19.88 7.71 -19.62
C TYR D 29 -20.97 7.57 -20.68
N GLU D 30 -20.59 7.80 -21.94
CA GLU D 30 -21.48 7.53 -23.06
C GLU D 30 -21.32 6.07 -23.45
N ASP D 31 -22.41 5.32 -23.44
CA ASP D 31 -22.37 3.90 -23.79
C ASP D 31 -22.76 3.77 -25.25
N HIS D 32 -21.79 4.02 -26.12
CA HIS D 32 -22.02 4.03 -27.56
C HIS D 32 -22.09 2.60 -28.09
N ARG D 33 -23.26 2.24 -28.61
CA ARG D 33 -23.50 0.92 -29.16
C ARG D 33 -23.74 1.05 -30.67
N ILE D 34 -23.06 0.23 -31.45
CA ILE D 34 -23.14 0.32 -32.91
C ILE D 34 -23.64 -0.98 -33.52
N GLU D 35 -24.24 -0.88 -34.69
CA GLU D 35 -24.68 -2.06 -35.45
C GLU D 35 -23.60 -2.48 -36.43
N GLN D 36 -23.71 -3.70 -36.95
CA GLN D 36 -22.71 -4.23 -37.89
C GLN D 36 -22.48 -3.27 -39.05
N ALA D 37 -23.55 -2.67 -39.57
CA ALA D 37 -23.46 -1.78 -40.73
C ALA D 37 -22.68 -0.47 -40.48
N ASP D 38 -22.63 -0.04 -39.21
CA ASP D 38 -21.82 1.13 -38.83
C ASP D 38 -20.33 0.79 -38.71
N TRP D 39 -20.02 -0.50 -38.55
CA TRP D 39 -18.71 -0.94 -38.08
C TRP D 39 -17.53 -0.71 -39.04
N PRO D 40 -17.64 -1.15 -40.32
CA PRO D 40 -16.54 -0.92 -41.28
C PRO D 40 -15.97 0.51 -41.33
N GLU D 41 -16.83 1.51 -41.28
CA GLU D 41 -16.40 2.91 -41.36
C GLU D 41 -15.72 3.41 -40.08
N ILE D 42 -15.94 2.70 -38.98
CA ILE D 42 -15.24 2.97 -37.73
C ILE D 42 -13.97 2.12 -37.67
N LYS D 43 -14.10 0.83 -37.99
CA LYS D 43 -12.97 -0.10 -38.00
C LYS D 43 -11.75 0.47 -38.74
N SER D 44 -12.00 1.03 -39.92
CA SER D 44 -10.92 1.53 -40.78
C SER D 44 -10.16 2.72 -40.20
N THR D 45 -10.72 3.35 -39.17
CA THR D 45 -10.13 4.55 -38.60
C THR D 45 -9.33 4.27 -37.33
N LEU D 46 -9.41 3.03 -36.83
CA LEU D 46 -8.79 2.68 -35.54
C LEU D 46 -7.36 2.17 -35.71
N PRO D 47 -6.49 2.42 -34.71
CA PRO D 47 -5.12 1.91 -34.72
C PRO D 47 -5.04 0.39 -34.94
N PHE D 48 -5.89 -0.38 -34.25
CA PHE D 48 -5.86 -1.85 -34.31
C PHE D 48 -7.18 -2.53 -34.74
N GLY D 49 -8.14 -1.74 -35.22
CA GLY D 49 -9.35 -2.25 -35.89
C GLY D 49 -10.26 -3.18 -35.09
N LYS D 50 -10.29 -3.04 -33.77
CA LYS D 50 -11.15 -3.86 -32.93
C LYS D 50 -11.79 -3.06 -31.79
N ILE D 51 -12.89 -3.60 -31.26
CA ILE D 51 -13.63 -2.98 -30.17
C ILE D 51 -13.78 -4.00 -29.03
N PRO D 52 -13.94 -3.52 -27.79
CA PRO D 52 -14.18 -2.13 -27.40
C PRO D 52 -12.98 -1.20 -27.49
N ILE D 53 -13.28 0.08 -27.72
CA ILE D 53 -12.33 1.16 -27.48
C ILE D 53 -12.99 2.10 -26.47
N LEU D 54 -12.17 2.78 -25.65
CA LEU D 54 -12.66 3.81 -24.75
C LEU D 54 -11.98 5.12 -25.08
N GLU D 55 -12.76 6.17 -25.26
CA GLU D 55 -12.21 7.51 -25.50
C GLU D 55 -12.23 8.29 -24.20
N VAL D 56 -11.06 8.77 -23.79
CA VAL D 56 -10.90 9.57 -22.58
C VAL D 56 -10.30 10.92 -22.96
N ASP D 57 -11.08 12.00 -22.88
CA ASP D 57 -10.61 13.35 -23.23
C ASP D 57 -9.90 13.40 -24.60
N GLY D 58 -10.47 12.72 -25.59
CA GLY D 58 -9.91 12.71 -26.94
C GLY D 58 -8.79 11.70 -27.20
N LEU D 59 -8.46 10.88 -26.21
CA LEU D 59 -7.39 9.87 -26.34
C LEU D 59 -7.99 8.48 -26.40
N THR D 60 -7.73 7.76 -27.49
CA THR D 60 -8.37 6.47 -27.72
C THR D 60 -7.62 5.32 -27.04
N LEU D 61 -8.32 4.56 -26.21
CA LEU D 61 -7.76 3.35 -25.60
C LEU D 61 -8.37 2.13 -26.29
N HIS D 62 -7.65 1.01 -26.25
CA HIS D 62 -8.15 -0.25 -26.78
C HIS D 62 -7.79 -1.40 -25.84
N GLN D 63 -8.35 -2.58 -26.14
CA GLN D 63 -8.19 -3.82 -25.34
C GLN D 63 -9.02 -3.79 -24.05
N SER D 64 -10.11 -4.58 -24.02
CA SER D 64 -11.08 -4.55 -22.91
C SER D 64 -10.44 -4.61 -21.52
N LEU D 65 -9.51 -5.54 -21.33
CA LEU D 65 -8.95 -5.81 -20.01
C LEU D 65 -7.86 -4.81 -19.65
N ALA D 66 -7.18 -4.29 -20.67
CA ALA D 66 -6.26 -3.18 -20.49
C ALA D 66 -7.04 -1.97 -19.97
N ILE D 67 -8.19 -1.71 -20.60
CA ILE D 67 -9.04 -0.57 -20.22
C ILE D 67 -9.60 -0.77 -18.80
N ALA D 68 -10.07 -1.99 -18.52
CA ALA D 68 -10.63 -2.33 -17.21
C ALA D 68 -9.62 -2.17 -16.09
N ARG D 69 -8.39 -2.62 -16.32
CA ARG D 69 -7.32 -2.49 -15.32
C ARG D 69 -6.96 -1.03 -15.07
N TYR D 70 -6.93 -0.24 -16.14
CA TYR D 70 -6.69 1.19 -16.04
C TYR D 70 -7.75 1.86 -15.15
N LEU D 71 -9.01 1.55 -15.40
CA LEU D 71 -10.11 2.15 -14.63
C LEU D 71 -10.17 1.72 -13.17
N THR D 72 -9.63 0.53 -12.85
CA THR D 72 -9.65 0.01 -11.48
C THR D 72 -8.38 0.31 -10.68
N LYS D 73 -7.38 0.90 -11.33
CA LYS D 73 -6.14 1.27 -10.62
C LYS D 73 -6.42 2.27 -9.51
N ASN D 74 -5.86 2.01 -8.33
CA ASN D 74 -6.08 2.84 -7.15
C ASN D 74 -7.56 2.96 -6.75
N THR D 75 -8.31 1.87 -6.93
CA THR D 75 -9.67 1.76 -6.42
C THR D 75 -9.77 0.47 -5.61
N ASP D 76 -10.85 0.29 -4.86
CA ASP D 76 -11.02 -0.92 -4.05
C ASP D 76 -11.28 -2.19 -4.89
N LEU D 77 -11.43 -2.04 -6.21
CA LEU D 77 -11.62 -3.18 -7.11
C LEU D 77 -10.29 -3.83 -7.55
N ALA D 78 -9.17 -3.17 -7.27
CA ALA D 78 -7.88 -3.54 -7.87
C ALA D 78 -7.23 -4.82 -7.34
N GLY D 79 -7.29 -5.00 -6.02
CA GLY D 79 -6.46 -5.98 -5.31
C GLY D 79 -5.73 -5.23 -4.22
N ASN D 80 -5.67 -5.81 -3.02
CA ASN D 80 -5.19 -5.10 -1.82
C ASN D 80 -3.67 -5.17 -1.58
N THR D 81 -2.99 -6.07 -2.30
CA THR D 81 -1.53 -6.12 -2.30
C THR D 81 -1.08 -6.31 -3.75
N GLU D 82 0.21 -6.11 -4.02
CA GLU D 82 0.77 -6.35 -5.36
C GLU D 82 0.55 -7.81 -5.75
N MET D 83 0.73 -8.74 -4.81
CA MET D 83 0.46 -10.15 -5.05
C MET D 83 -1.01 -10.36 -5.46
N GLU D 84 -1.93 -9.80 -4.70
CA GLU D 84 -3.35 -9.91 -5.03
C GLU D 84 -3.66 -9.31 -6.41
N GLN D 85 -2.99 -8.21 -6.78
CA GLN D 85 -3.15 -7.62 -8.12
C GLN D 85 -2.72 -8.63 -9.20
N CYS D 86 -1.71 -9.42 -8.90
CA CYS D 86 -1.26 -10.47 -9.80
C CYS D 86 -2.31 -11.58 -9.94
N HIS D 87 -2.87 -12.03 -8.82
CA HIS D 87 -3.91 -13.07 -8.85
C HIS D 87 -5.17 -12.60 -9.56
N VAL D 88 -5.55 -11.35 -9.34
CA VAL D 88 -6.66 -10.75 -10.05
C VAL D 88 -6.41 -10.85 -11.57
N ASP D 89 -5.23 -10.42 -12.00
CA ASP D 89 -4.85 -10.45 -13.42
C ASP D 89 -4.82 -11.87 -13.97
N ALA D 90 -4.33 -12.79 -13.14
CA ALA D 90 -4.24 -14.20 -13.51
C ALA D 90 -5.62 -14.83 -13.71
N ILE D 91 -6.50 -14.69 -12.74
CA ILE D 91 -7.85 -15.24 -12.86
C ILE D 91 -8.56 -14.68 -14.09
N VAL D 92 -8.45 -13.36 -14.30
CA VAL D 92 -9.12 -12.72 -15.43
C VAL D 92 -8.62 -13.26 -16.78
N ASP D 93 -7.31 -13.40 -16.93
CA ASP D 93 -6.73 -13.93 -18.18
C ASP D 93 -7.10 -15.39 -18.39
N THR D 94 -7.28 -16.14 -17.31
CA THR D 94 -7.73 -17.54 -17.40
C THR D 94 -9.17 -17.62 -17.95
N LEU D 95 -10.06 -16.79 -17.40
CA LEU D 95 -11.42 -16.68 -17.92
C LEU D 95 -11.41 -16.19 -19.37
N ASP D 96 -10.61 -15.17 -19.66
CA ASP D 96 -10.56 -14.60 -21.00
C ASP D 96 -10.00 -15.59 -22.00
N ASP D 97 -8.96 -16.32 -21.61
CA ASP D 97 -8.39 -17.40 -22.43
C ASP D 97 -9.49 -18.35 -22.92
N PHE D 98 -10.31 -18.82 -21.99
CA PHE D 98 -11.35 -19.77 -22.33
C PHE D 98 -12.44 -19.16 -23.23
N MET D 99 -12.94 -17.99 -22.84
CA MET D 99 -13.97 -17.33 -23.62
C MET D 99 -13.52 -17.06 -25.06
N SER D 100 -12.24 -16.73 -25.24
CA SER D 100 -11.69 -16.46 -26.57
C SER D 100 -11.55 -17.70 -27.47
N CYS D 101 -11.73 -18.89 -26.92
CA CYS D 101 -11.69 -20.13 -27.74
C CYS D 101 -12.94 -20.29 -28.60
N PHE D 102 -14.03 -19.63 -28.22
CA PHE D 102 -15.31 -19.74 -28.93
C PHE D 102 -15.27 -18.96 -30.25
N PRO D 103 -15.75 -19.57 -31.35
CA PRO D 103 -15.82 -18.87 -32.62
C PRO D 103 -17.06 -17.96 -32.66
N TRP D 104 -17.03 -16.89 -31.87
CA TRP D 104 -18.19 -16.02 -31.71
C TRP D 104 -18.62 -15.39 -33.04
N ALA D 105 -17.65 -15.15 -33.93
CA ALA D 105 -17.89 -14.47 -35.21
C ALA D 105 -18.14 -15.40 -36.38
N GLU D 106 -18.17 -16.72 -36.12
CA GLU D 106 -18.37 -17.70 -37.19
C GLU D 106 -19.77 -17.59 -37.81
N LYS D 107 -19.82 -17.47 -39.14
CA LYS D 107 -21.07 -17.24 -39.87
C LYS D 107 -21.73 -18.55 -40.32
N LYS D 108 -20.94 -19.62 -40.41
CA LYS D 108 -21.48 -20.94 -40.71
C LYS D 108 -22.01 -21.59 -39.44
N GLN D 109 -23.34 -21.60 -39.30
CA GLN D 109 -23.99 -22.12 -38.09
C GLN D 109 -23.51 -23.52 -37.73
N ASP D 110 -23.35 -24.36 -38.75
CA ASP D 110 -22.88 -25.74 -38.63
C ASP D 110 -21.60 -25.84 -37.79
N VAL D 111 -20.51 -25.25 -38.28
CA VAL D 111 -19.22 -25.32 -37.60
C VAL D 111 -19.25 -24.61 -36.26
N LYS D 112 -19.99 -23.50 -36.17
CA LYS D 112 -20.11 -22.77 -34.92
C LYS D 112 -20.68 -23.64 -33.81
N GLU D 113 -21.80 -24.31 -34.09
CA GLU D 113 -22.43 -25.18 -33.10
C GLU D 113 -21.51 -26.25 -32.59
N GLN D 114 -20.79 -26.92 -33.49
CA GLN D 114 -19.95 -28.06 -33.11
C GLN D 114 -18.82 -27.63 -32.19
N MET D 115 -18.24 -26.45 -32.44
CA MET D 115 -17.15 -25.93 -31.62
C MET D 115 -17.64 -25.44 -30.26
N PHE D 116 -18.79 -24.75 -30.25
CA PHE D 116 -19.45 -24.37 -29.00
C PHE D 116 -19.75 -25.63 -28.17
N ASN D 117 -20.34 -26.64 -28.81
CA ASN D 117 -20.61 -27.90 -28.14
C ASN D 117 -19.35 -28.54 -27.55
N GLU D 118 -18.30 -28.64 -28.35
CA GLU D 118 -17.01 -29.18 -27.90
C GLU D 118 -16.52 -28.44 -26.65
N LEU D 119 -16.48 -27.12 -26.74
CA LEU D 119 -15.94 -26.29 -25.66
C LEU D 119 -16.79 -26.33 -24.39
N LEU D 120 -18.11 -26.26 -24.55
CA LEU D 120 -19.04 -26.27 -23.41
C LEU D 120 -19.14 -27.65 -22.75
N THR D 121 -19.12 -28.70 -23.56
CA THR D 121 -19.36 -30.05 -23.05
C THR D 121 -18.08 -30.73 -22.56
N TYR D 122 -16.97 -30.48 -23.24
CA TYR D 122 -15.71 -31.16 -22.96
C TYR D 122 -14.75 -30.36 -22.07
N ASN D 123 -14.73 -29.04 -22.21
CA ASN D 123 -13.68 -28.24 -21.57
C ASN D 123 -14.16 -27.34 -20.43
N ALA D 124 -15.33 -26.74 -20.59
CA ALA D 124 -15.86 -25.82 -19.59
C ALA D 124 -16.02 -26.44 -18.20
N PRO D 125 -16.48 -27.72 -18.12
CA PRO D 125 -16.65 -28.30 -16.79
C PRO D 125 -15.34 -28.42 -15.98
N HIS D 126 -14.22 -28.55 -16.68
CA HIS D 126 -12.91 -28.60 -16.01
C HIS D 126 -12.45 -27.24 -15.50
N LEU D 127 -12.75 -26.18 -16.26
CA LEU D 127 -12.50 -24.83 -15.79
C LEU D 127 -13.34 -24.54 -14.54
N MET D 128 -14.62 -24.92 -14.58
CA MET D 128 -15.48 -24.75 -13.41
C MET D 128 -14.86 -25.45 -12.21
N GLN D 129 -14.36 -26.66 -12.44
CA GLN D 129 -13.75 -27.46 -11.39
C GLN D 129 -12.52 -26.76 -10.78
N ASP D 130 -11.64 -26.26 -11.65
CA ASP D 130 -10.45 -25.55 -11.19
C ASP D 130 -10.80 -24.23 -10.48
N LEU D 131 -11.78 -23.51 -10.97
CA LEU D 131 -12.22 -22.27 -10.32
C LEU D 131 -12.82 -22.55 -8.96
N ASP D 132 -13.61 -23.62 -8.86
CA ASP D 132 -14.23 -24.03 -7.60
C ASP D 132 -13.19 -24.35 -6.53
N THR D 133 -12.18 -25.12 -6.89
CA THR D 133 -11.09 -25.46 -5.97
C THR D 133 -10.27 -24.23 -5.60
N TYR D 134 -10.10 -23.33 -6.56
CA TYR D 134 -9.40 -22.06 -6.33
C TYR D 134 -10.13 -21.19 -5.31
N LEU D 135 -11.46 -21.07 -5.48
CA LEU D 135 -12.30 -20.35 -4.52
C LEU D 135 -12.31 -21.03 -3.16
N GLY D 136 -12.40 -22.35 -3.17
CA GLY D 136 -12.25 -23.19 -1.97
C GLY D 136 -12.69 -22.64 -0.62
N GLY D 137 -13.96 -22.25 -0.51
CA GLY D 137 -14.53 -21.84 0.79
C GLY D 137 -14.42 -20.36 1.13
N ARG D 138 -13.68 -19.60 0.34
CA ARG D 138 -13.47 -18.18 0.59
C ARG D 138 -14.64 -17.31 0.08
N GLU D 139 -14.67 -16.04 0.48
CA GLU D 139 -15.79 -15.14 0.16
C GLU D 139 -15.72 -14.61 -1.27
N TRP D 140 -14.51 -14.32 -1.72
CA TRP D 140 -14.25 -13.78 -3.05
C TRP D 140 -13.07 -14.53 -3.68
N LEU D 141 -12.93 -14.45 -4.99
CA LEU D 141 -11.87 -15.20 -5.69
C LEU D 141 -10.48 -14.79 -5.21
N ILE D 142 -10.23 -13.49 -5.07
CA ILE D 142 -8.97 -12.98 -4.50
C ILE D 142 -9.24 -12.13 -3.26
N GLY D 143 -8.67 -12.54 -2.12
CA GLY D 143 -8.67 -11.71 -0.92
C GLY D 143 -9.97 -11.65 -0.14
N ASN D 144 -10.10 -10.59 0.65
CA ASN D 144 -11.20 -10.42 1.61
C ASN D 144 -12.32 -9.53 1.10
N SER D 145 -12.15 -8.97 -0.09
CA SER D 145 -13.16 -8.09 -0.66
C SER D 145 -13.26 -8.27 -2.17
N VAL D 146 -14.32 -7.67 -2.74
CA VAL D 146 -14.61 -7.82 -4.16
C VAL D 146 -13.50 -7.17 -5.01
N THR D 147 -13.17 -7.82 -6.12
CA THR D 147 -12.32 -7.22 -7.14
C THR D 147 -13.00 -7.37 -8.50
N TRP D 148 -12.43 -6.74 -9.52
CA TRP D 148 -12.98 -6.88 -10.86
C TRP D 148 -12.79 -8.30 -11.43
N ALA D 149 -12.01 -9.15 -10.77
CA ALA D 149 -11.99 -10.58 -11.11
C ALA D 149 -13.34 -11.25 -10.81
N ASP D 150 -13.95 -10.88 -9.70
CA ASP D 150 -15.28 -11.40 -9.33
C ASP D 150 -16.34 -10.95 -10.33
N PHE D 151 -16.28 -9.66 -10.69
CA PHE D 151 -17.08 -9.12 -11.78
C PHE D 151 -16.96 -9.97 -13.03
N TYR D 152 -15.73 -10.21 -13.46
CA TYR D 152 -15.48 -10.90 -14.73
C TYR D 152 -15.93 -12.36 -14.67
N TRP D 153 -15.81 -12.99 -13.51
CA TRP D 153 -16.40 -14.31 -13.30
C TRP D 153 -17.91 -14.27 -13.52
N GLU D 154 -18.59 -13.34 -12.87
CA GLU D 154 -20.04 -13.21 -12.98
C GLU D 154 -20.46 -12.97 -14.45
N ILE D 155 -19.73 -12.08 -15.13
CA ILE D 155 -20.02 -11.72 -16.51
C ILE D 155 -19.83 -12.91 -17.45
N CYS D 156 -18.67 -13.56 -17.37
CA CYS D 156 -18.38 -14.70 -18.24
C CYS D 156 -19.34 -15.87 -17.99
N SER D 157 -19.58 -16.18 -16.71
CA SER D 157 -20.50 -17.26 -16.33
C SER D 157 -21.91 -17.03 -16.84
N THR D 158 -22.37 -15.78 -16.79
CA THR D 158 -23.70 -15.43 -17.26
C THR D 158 -23.86 -15.78 -18.75
N THR D 159 -22.84 -15.51 -19.54
CA THR D 159 -22.88 -15.82 -20.96
C THR D 159 -22.80 -17.33 -21.18
N LEU D 160 -21.95 -18.03 -20.44
CA LEU D 160 -21.80 -19.48 -20.60
C LEU D 160 -23.11 -20.21 -20.21
N LEU D 161 -23.80 -19.70 -19.20
CA LEU D 161 -25.07 -20.28 -18.75
C LEU D 161 -26.17 -20.14 -19.79
N VAL D 162 -26.04 -19.15 -20.67
CA VAL D 162 -26.96 -19.02 -21.80
C VAL D 162 -26.96 -20.27 -22.66
N PHE D 163 -25.76 -20.80 -22.94
CA PHE D 163 -25.61 -21.97 -23.82
C PHE D 163 -25.60 -23.29 -23.05
N LYS D 164 -25.21 -23.27 -21.78
CA LYS D 164 -25.19 -24.47 -20.96
C LYS D 164 -25.75 -24.14 -19.56
N PRO D 165 -27.09 -24.13 -19.45
CA PRO D 165 -27.79 -23.81 -18.21
C PRO D 165 -27.39 -24.64 -17.00
N ASP D 166 -26.95 -25.88 -17.20
CA ASP D 166 -26.59 -26.77 -16.09
C ASP D 166 -25.13 -26.63 -15.63
N LEU D 167 -24.42 -25.63 -16.14
CA LEU D 167 -22.96 -25.51 -15.95
C LEU D 167 -22.51 -25.54 -14.48
N LEU D 168 -23.24 -24.84 -13.61
CA LEU D 168 -22.88 -24.75 -12.20
C LEU D 168 -23.76 -25.58 -11.26
N ASP D 169 -24.43 -26.61 -11.79
CA ASP D 169 -25.34 -27.44 -10.98
C ASP D 169 -24.61 -28.15 -9.82
N ASN D 170 -23.34 -28.51 -10.02
CA ASN D 170 -22.53 -29.13 -8.96
C ASN D 170 -21.54 -28.16 -8.30
N HIS D 171 -21.71 -26.86 -8.54
CA HIS D 171 -20.81 -25.85 -8.00
C HIS D 171 -21.58 -24.75 -7.28
N PRO D 172 -22.24 -25.08 -6.16
CA PRO D 172 -23.00 -24.08 -5.41
C PRO D 172 -22.22 -22.85 -4.96
N ARG D 173 -20.96 -23.02 -4.57
CA ARG D 173 -20.11 -21.89 -4.13
C ARG D 173 -19.80 -20.90 -5.24
N LEU D 174 -19.75 -21.38 -6.49
CA LEU D 174 -19.59 -20.50 -7.65
C LEU D 174 -20.86 -19.73 -7.95
N VAL D 175 -22.01 -20.36 -7.74
CA VAL D 175 -23.30 -19.68 -7.87
C VAL D 175 -23.43 -18.61 -6.77
N THR D 176 -23.11 -18.99 -5.53
CA THR D 176 -23.11 -18.01 -4.43
C THR D 176 -22.29 -16.78 -4.79
N LEU D 177 -21.12 -17.00 -5.38
CA LEU D 177 -20.27 -15.89 -5.78
C LEU D 177 -20.95 -15.03 -6.84
N ARG D 178 -21.49 -15.66 -7.88
CA ARG D 178 -22.27 -14.92 -8.88
C ARG D 178 -23.33 -14.05 -8.21
N LYS D 179 -24.10 -14.66 -7.30
CA LYS D 179 -25.20 -13.95 -6.63
C LYS D 179 -24.71 -12.83 -5.72
N LYS D 180 -23.56 -13.02 -5.09
CA LYS D 180 -22.94 -12.01 -4.24
C LYS D 180 -22.61 -10.78 -5.10
N VAL D 181 -22.01 -11.01 -6.26
CA VAL D 181 -21.65 -9.94 -7.20
C VAL D 181 -22.90 -9.20 -7.68
N GLN D 182 -23.92 -9.98 -8.06
CA GLN D 182 -25.18 -9.42 -8.55
C GLN D 182 -25.90 -8.59 -7.46
N ALA D 183 -25.61 -8.89 -6.19
CA ALA D 183 -26.22 -8.18 -5.05
C ALA D 183 -25.55 -6.85 -4.68
N ILE D 184 -24.34 -6.60 -5.19
CA ILE D 184 -23.68 -5.32 -4.93
C ILE D 184 -24.54 -4.20 -5.51
N PRO D 185 -24.89 -3.18 -4.71
CA PRO D 185 -25.89 -2.18 -5.14
C PRO D 185 -25.70 -1.56 -6.53
N ALA D 186 -24.52 -1.03 -6.83
CA ALA D 186 -24.27 -0.39 -8.13
C ALA D 186 -24.34 -1.41 -9.28
N VAL D 187 -23.91 -2.64 -9.01
CA VAL D 187 -23.96 -3.70 -10.02
C VAL D 187 -25.40 -4.16 -10.25
N ALA D 188 -26.15 -4.35 -9.16
CA ALA D 188 -27.57 -4.74 -9.24
C ALA D 188 -28.39 -3.71 -10.02
N ASN D 189 -28.10 -2.43 -9.79
CA ASN D 189 -28.74 -1.36 -10.54
C ASN D 189 -28.44 -1.42 -12.04
N TRP D 190 -27.18 -1.62 -12.40
CA TRP D 190 -26.80 -1.78 -13.80
C TRP D 190 -27.46 -3.00 -14.43
N ILE D 191 -27.45 -4.13 -13.72
CA ILE D 191 -28.09 -5.38 -14.19
C ILE D 191 -29.57 -5.17 -14.53
N LYS D 192 -30.28 -4.47 -13.65
CA LYS D 192 -31.68 -4.10 -13.85
C LYS D 192 -31.89 -3.16 -15.02
N ARG D 193 -31.00 -2.17 -15.17
CA ARG D 193 -31.25 -1.05 -16.08
C ARG D 193 -30.64 -1.20 -17.47
N ARG D 194 -29.65 -2.10 -17.62
CA ARG D 194 -28.90 -2.22 -18.89
C ARG D 194 -29.79 -2.73 -20.02
N PRO D 195 -29.37 -2.49 -21.28
CA PRO D 195 -30.06 -3.16 -22.38
C PRO D 195 -29.90 -4.66 -22.25
N GLN D 196 -31.03 -5.36 -22.32
CA GLN D 196 -31.05 -6.80 -22.17
C GLN D 196 -30.83 -7.44 -23.54
N THR D 197 -29.69 -8.11 -23.69
CA THR D 197 -29.33 -8.78 -24.93
C THR D 197 -28.98 -10.23 -24.62
N LYS D 198 -29.00 -11.09 -25.62
CA LYS D 198 -28.63 -12.50 -25.43
C LYS D 198 -27.21 -12.63 -24.90
N LEU D 199 -26.28 -11.90 -25.53
CA LEU D 199 -24.87 -12.04 -25.26
C LEU D 199 -24.24 -10.71 -24.85
N1 GSH E . -1.65 10.50 20.92
CA1 GSH E . -2.82 9.73 20.54
C1 GSH E . -2.57 9.04 19.23
O11 GSH E . -1.71 9.48 18.43
O12 GSH E . -3.21 8.01 18.95
CB1 GSH E . -4.04 10.62 20.39
CG1 GSH E . -5.35 9.84 20.31
CD1 GSH E . -6.50 10.80 20.14
OE1 GSH E . -6.73 11.75 21.14
N2 GSH E . -7.25 10.71 19.03
CA2 GSH E . -8.45 11.54 18.88
C2 GSH E . -9.56 11.00 19.73
O2 GSH E . -9.72 9.63 19.94
CB2 GSH E . -8.94 11.57 17.44
SG2 GSH E . -7.77 12.43 16.38
N3 GSH E . -10.37 11.91 20.25
CA3 GSH E . -11.81 11.70 20.27
C3 GSH E . -12.28 11.51 21.68
O31 GSH E . -13.45 11.12 21.92
O32 GSH E . -11.50 11.74 22.62
O19 0O5 F . -10.31 17.19 12.46
C18 0O5 F . -9.75 16.63 13.38
N20 0O5 F . -10.41 16.23 14.48
C21 0O5 F . -11.83 16.36 14.76
C22 0O5 F . -12.25 14.97 15.21
N23 0O5 F . -13.63 14.60 14.88
C28 0O5 F . -14.64 15.61 15.28
C24 0O5 F . -16.02 14.99 15.09
O26 0O5 F . -16.19 14.54 13.74
C25 0O5 F . -15.16 13.64 13.29
C27 0O5 F . -13.80 14.30 13.45
C13 0O5 F . -8.27 16.38 13.29
C17 0O5 F . -7.48 17.11 12.40
C14 0O5 F . -6.12 16.89 12.30
C16 0O5 F . -7.68 15.39 14.07
C15 0O5 F . -6.32 15.15 13.96
C9 0O5 F . -5.52 15.90 13.10
C4 0O5 F . -4.08 15.58 13.03
N6 0O5 F . -3.56 15.26 11.82
C2 0O5 F . -2.28 14.91 11.63
C1 0O5 F . -1.80 14.56 10.24
C7 0O5 F . -3.25 15.55 14.16
C12 0O5 F . -3.68 15.86 15.45
C11 0O5 F . -2.77 15.80 16.51
C10 0O5 F . -1.44 15.42 16.32
C8 0O5 F . -0.97 15.09 15.05
C5 0O5 F . -1.83 15.15 13.96
C3 0O5 F . -1.39 14.84 12.70
MG MG G . 3.70 12.65 22.34
N1 GSH H . 7.86 16.48 24.19
CA1 GSH H . 9.01 17.28 24.62
C1 GSH H . 9.82 16.44 25.56
O11 GSH H . 11.05 16.64 25.69
O12 GSH H . 9.29 15.53 26.23
CB1 GSH H . 8.56 18.61 25.25
CG1 GSH H . 9.72 19.54 25.59
CD1 GSH H . 9.18 20.76 26.29
OE1 GSH H . 8.16 21.53 25.70
N2 GSH H . 9.73 21.09 27.47
CA2 GSH H . 9.41 22.33 28.16
C2 GSH H . 10.02 23.53 27.48
O2 GSH H . 11.34 23.51 27.01
CB2 GSH H . 9.91 22.23 29.60
SG2 GSH H . 8.90 21.14 30.62
N3 GSH H . 9.23 24.59 27.33
CA3 GSH H . 9.75 25.93 27.53
C3 GSH H . 10.05 26.64 26.23
O31 GSH H . 9.57 26.22 25.16
O32 GSH H . 10.77 27.67 26.22
O19 0O5 I . 6.09 23.36 36.08
C18 0O5 I . 6.27 23.00 34.93
N20 0O5 I . 6.61 23.87 33.96
C21 0O5 I . 6.81 25.30 34.12
C22 0O5 I . 8.24 25.65 33.70
N23 0O5 I . 8.86 26.55 34.69
C28 0O5 I . 10.27 26.76 34.32
C24 0O5 I . 10.94 27.64 35.36
O26 0O5 I . 10.23 28.88 35.50
C25 0O5 I . 8.85 28.71 35.83
C27 0O5 I . 8.18 27.86 34.75
C13 0O5 I . 6.08 21.55 34.59
C17 0O5 I . 5.29 20.74 35.39
C14 0O5 I . 5.10 19.40 35.09
C16 0O5 I . 6.71 21.00 33.47
C15 0O5 I . 6.54 19.66 33.18
C9 0O5 I . 5.72 18.86 33.97
C4 0O5 I . 5.59 17.44 33.61
N6 0O5 I . 5.97 16.51 34.53
C2 0O5 I . 5.92 15.17 34.28
C1 0O5 I . 6.35 14.20 35.35
C7 0O5 I . 5.13 17.04 32.34
C12 0O5 I . 4.72 17.92 31.35
C11 0O5 I . 4.27 17.43 30.11
C10 0O5 I . 4.22 16.06 29.85
C8 0O5 I . 4.62 15.15 30.83
C5 0O5 I . 5.09 15.58 32.06
C3 0O5 I . 5.48 14.69 33.05
MG MG J . -5.24 -12.47 -23.24
N1 GSH K . -2.48 -17.45 -21.35
CA1 GSH K . -1.74 -18.41 -20.54
C1 GSH K . -0.41 -17.82 -20.17
O11 GSH K . 0.12 -16.94 -20.88
O12 GSH K . 0.17 -18.23 -19.14
CB1 GSH K . -1.57 -19.69 -21.36
CG1 GSH K . -0.67 -20.71 -20.66
CD1 GSH K . -0.58 -21.97 -21.48
OE1 GSH K . -1.74 -22.45 -22.13
N2 GSH K . 0.62 -22.56 -21.54
CA2 GSH K . 0.88 -23.76 -22.31
C2 GSH K . 0.52 -25.01 -21.56
O2 GSH K . 0.62 -25.05 -20.16
CB2 GSH K . 2.36 -23.85 -22.68
SG2 GSH K . 2.84 -22.64 -23.93
N3 GSH K . 0.14 -26.05 -22.29
CA3 GSH K . 0.37 -27.42 -21.85
C3 GSH K . -0.90 -27.99 -21.30
O31 GSH K . -1.94 -27.30 -21.31
O32 GSH K . -0.94 -29.16 -20.83
O19 0O5 L . 5.92 -24.89 -29.46
C18 0O5 L . 5.04 -24.47 -28.74
N20 0O5 L . 4.21 -25.29 -28.14
C21 0O5 L . 4.23 -26.75 -28.23
C22 0O5 L . 4.75 -27.26 -26.90
N23 0O5 L . 5.71 -28.37 -27.06
C28 0O5 L . 6.24 -28.70 -25.71
C24 0O5 L . 7.06 -29.98 -25.70
O26 0O5 L . 6.32 -31.05 -26.30
C25 0O5 L . 5.98 -30.75 -27.66
C27 0O5 L . 5.06 -29.54 -27.69
C13 0O5 L . 4.90 -22.97 -28.55
C17 0O5 L . 5.41 -22.08 -29.51
C14 0O5 L . 5.28 -20.70 -29.35
C16 0O5 L . 4.27 -22.46 -27.43
C15 0O5 L . 4.13 -21.09 -27.26
C9 0O5 L . 4.63 -20.21 -28.23
C4 0O5 L . 4.46 -18.74 -27.99
N6 0O5 L . 5.57 -17.97 -27.99
C2 0O5 L . 5.53 -16.63 -27.76
C1 0O5 L . 6.82 -15.85 -27.79
C7 0O5 L . 3.20 -18.18 -27.72
C12 0O5 L . 2.00 -18.90 -27.71
C11 0O5 L . 0.81 -18.24 -27.44
C10 0O5 L . 0.76 -16.87 -27.19
C8 0O5 L . 1.93 -16.11 -27.18
C5 0O5 L . 3.15 -16.71 -27.45
C3 0O5 L . 4.33 -15.98 -27.48
N1 GSH M . -8.72 -9.17 -26.89
CA1 GSH M . -9.40 -8.03 -27.47
C1 GSH M . -10.14 -7.25 -26.40
O11 GSH M . -10.46 -6.06 -26.58
O12 GSH M . -10.44 -7.78 -25.32
CB1 GSH M . -10.33 -8.53 -28.58
CG1 GSH M . -10.99 -7.41 -29.39
CD1 GSH M . -11.96 -8.06 -30.36
OE1 GSH M . -11.47 -9.10 -31.17
N2 GSH M . -13.22 -7.64 -30.44
CA2 GSH M . -14.16 -8.10 -31.46
C2 GSH M . -14.02 -7.36 -32.75
O2 GSH M . -13.35 -6.14 -32.79
CB2 GSH M . -15.60 -7.97 -30.98
SG2 GSH M . -15.95 -8.99 -29.53
N3 GSH M . -14.58 -7.88 -33.83
CA3 GSH M . -14.87 -7.09 -35.02
C3 GSH M . -13.72 -7.18 -35.99
O31 GSH M . -13.75 -6.57 -37.10
O32 GSH M . -12.72 -7.88 -35.70
O19 0O5 N . -21.59 -12.37 -30.20
C18 0O5 N . -20.40 -12.10 -30.16
N20 0O5 N . -19.74 -11.71 -31.25
C21 0O5 N . -20.27 -11.56 -32.62
C22 0O5 N . -20.32 -10.06 -32.90
N23 0O5 N . -21.50 -9.63 -33.68
C28 0O5 N . -21.39 -8.17 -33.89
C24 0O5 N . -22.43 -7.65 -34.88
O26 0O5 N . -22.36 -8.39 -36.10
C25 0O5 N . -22.66 -9.76 -35.86
C27 0O5 N . -21.59 -10.36 -34.95
C13 0O5 N . -19.69 -12.20 -28.82
C17 0O5 N . -20.17 -13.03 -27.82
C14 0O5 N . -19.52 -13.12 -26.58
C16 0O5 N . -18.55 -11.44 -28.59
C15 0O5 N . -17.90 -11.52 -27.37
C9 0O5 N . -18.36 -12.38 -26.37
C4 0O5 N . -17.63 -12.40 -25.07
N6 0O5 N . -18.33 -12.11 -23.94
C2 0O5 N . -17.76 -12.07 -22.71
C1 0O5 N . -18.63 -11.72 -21.52
C7 0O5 N . -16.27 -12.69 -25.00
C12 0O5 N . -15.47 -13.00 -26.11
C11 0O5 N . -14.11 -13.26 -25.93
C10 0O5 N . -13.52 -13.24 -24.67
C8 0O5 N . -14.27 -12.92 -23.54
C5 0O5 N . -15.62 -12.64 -23.66
C3 0O5 N . -16.41 -12.34 -22.54
#